data_6G4R
#
_entry.id   6G4R
#
_cell.length_a   71.216
_cell.length_b   56.991
_cell.length_c   154.182
_cell.angle_alpha   90.000
_cell.angle_beta   98.020
_cell.angle_gamma   90.000
#
_symmetry.space_group_name_H-M   'P 1 21 1'
#
loop_
_entity.id
_entity.type
_entity.pdbx_description
1 polymer 'Hydrogen peroxide-inducible genes activator'
2 polymer 'Hydrogen peroxide-inducible genes activator'
3 polymer 'Hydrogen peroxide-inducible genes activator'
4 non-polymer 'HYDROGEN PEROXIDE'
5 non-polymer 'SULFATE ION'
6 non-polymer 1,2-ETHANEDIOL
7 water water
#
loop_
_entity_poly.entity_id
_entity_poly.type
_entity_poly.pdbx_seq_one_letter_code
_entity_poly.pdbx_strand_id
1 'polypeptide(L)'
;MSNKEYRPTLAQLRTFVTIAE(OCS)KHFGTAATKLSISQPSLSQALVALETGLGVQLIERSTRKVIVTPAGEKLLPFAK
STLDAAESFLSHAKGANGSLTGPLTVGIIPTAAPYILPSMLSIVDEEYPDLEPHIVEDQTKHLLALLRDGAIDVAMMALP
SEAPGMKEIPLYDEDFIVVTASDHPFAGRQDLELSALEDLDLLLLDDGHSLHDQIVDL(CSO)RRGDINPISSTTAVTRA
SSLTTVMQLVVAGLGSTLVPISAIPWECTRPGLATANFNSDVTANRRIGLVYRSSSSRAEEFEQFALILQRAFQEAVALA
ASTGITLKQNVAVAQ
;
B
2 'polypeptide(L)'
;MSNKEYRPTLAQLRTFVTIAECKHFGTAATKLSISQPSLSQALVALETGLGVQLIERSTRKVIVTPAGEKLLPFAKSTLD
AAESFLSHAKGANGSLTGPLTVGIIPTAAPYILPSMLSIVDEEYPDLEPHIVEDQTKHLLALLRDGAIDVAMMALPSEAP
GMKEIPLYDEDFIVVTASDHPFAGRQDLELSALEDLDLLLLDDGHSLHDQIVDL(CSD)RRGDINPISSTTAVTRASSLT
TVMQLVVAGLGSTLVPISAIPWECTRPGLATANFNSDVTANRRIGLVYRSSSSRAEEFEQFALILQRAFQEAVALAASTG
ITLKQNVAVAQ
;
A,G
3 'polypeptide(L)'
;MSNKEYRPTLAQLRTFVTIAE(CSD)KHFGTAATKLSISQPSLSQALVALETGLGVQLIERSTRKVIVTPAGEKLLPFAK
STLDAAESFLSHAKGANGSLTGPLTVGIIPTAAPYILPSMLSIVDEEYPDLEPHIVEDQTKHLLALLRDGAIDVAMMALP
SEAPGMKEIPLYDEDFIVVTASDHPFAGRQDLELSALEDLDLLLLDDGHSLHDQIVDLCRRGDINPISSTTAVTRASSLT
TVMQLVVAGLGSTLVPISAIPWECTRPGLATANFNSDVTANRRIGLVYRSSSSRAEEFEQFALILQRAFQEAVALAASTG
ITLKQNVAVAQ
;
E
#
# COMPACT_ATOMS: atom_id res chain seq x y z
N LYS A 4 -36.04 -2.28 -38.06
CA LYS A 4 -35.46 -2.13 -39.38
C LYS A 4 -33.97 -1.80 -39.30
N GLU A 5 -33.63 -0.70 -38.64
CA GLU A 5 -32.23 -0.33 -38.49
C GLU A 5 -31.52 -1.31 -37.56
N TYR A 6 -30.28 -1.64 -37.89
CA TYR A 6 -29.60 -2.78 -37.30
C TYR A 6 -29.06 -2.47 -35.92
N ARG A 7 -29.29 -3.41 -34.99
CA ARG A 7 -28.69 -3.37 -33.66
C ARG A 7 -28.04 -4.73 -33.42
N PRO A 8 -26.80 -4.77 -32.94
CA PRO A 8 -26.17 -6.06 -32.65
C PRO A 8 -26.75 -6.70 -31.41
N THR A 9 -26.63 -8.02 -31.34
CA THR A 9 -27.14 -8.81 -30.22
C THR A 9 -25.98 -9.32 -29.38
N LEU A 10 -26.31 -9.73 -28.15
CA LEU A 10 -25.29 -10.27 -27.26
C LEU A 10 -24.68 -11.55 -27.80
N ALA A 11 -25.52 -12.44 -28.36
CA ALA A 11 -25.02 -13.69 -28.91
C ALA A 11 -24.03 -13.44 -30.04
N GLN A 12 -24.25 -12.41 -30.85
CA GLN A 12 -23.30 -12.06 -31.89
C GLN A 12 -22.01 -11.51 -31.31
N LEU A 13 -22.13 -10.64 -30.29
CA LEU A 13 -20.94 -10.11 -29.64
C LEU A 13 -20.18 -11.21 -28.90
N ARG A 14 -20.90 -12.12 -28.23
CA ARG A 14 -20.26 -13.22 -27.55
C ARG A 14 -19.49 -14.10 -28.51
N THR A 15 -19.99 -14.25 -29.74
CA THR A 15 -19.28 -15.02 -30.75
C THR A 15 -18.02 -14.29 -31.22
N PHE A 16 -18.14 -12.99 -31.50
CA PHE A 16 -17.01 -12.24 -32.02
C PHE A 16 -15.87 -12.17 -31.02
N VAL A 17 -16.18 -12.03 -29.74
CA VAL A 17 -15.14 -11.96 -28.71
C VAL A 17 -14.41 -13.29 -28.58
N THR A 18 -15.17 -14.40 -28.56
CA THR A 18 -14.55 -15.70 -28.36
C THR A 18 -13.65 -16.07 -29.53
N ILE A 19 -14.05 -15.70 -30.75
CA ILE A 19 -13.24 -15.99 -31.93
C ILE A 19 -11.91 -15.24 -31.88
N ALA A 20 -11.96 -13.96 -31.48
CA ALA A 20 -10.75 -13.15 -31.46
C ALA A 20 -9.74 -13.64 -30.43
N GLU A 21 -10.20 -14.25 -29.34
CA GLU A 21 -9.30 -14.73 -28.30
C GLU A 21 -8.75 -16.13 -28.56
N LYS A 23 -8.83 -17.66 -31.53
CA LYS A 23 -8.24 -17.59 -32.86
C LYS A 23 -8.64 -18.70 -33.83
N HIS A 24 -9.32 -19.74 -33.37
CA HIS A 24 -9.82 -20.77 -34.27
C HIS A 24 -11.34 -20.81 -34.27
N PHE A 25 -11.91 -21.47 -35.27
CA PHE A 25 -13.36 -21.64 -35.39
C PHE A 25 -13.86 -22.97 -34.84
N GLY A 26 -13.00 -23.74 -34.19
CA GLY A 26 -13.39 -25.04 -33.68
C GLY A 26 -13.09 -25.16 -32.20
N THR A 27 -12.50 -24.11 -31.66
CA THR A 27 -12.23 -23.98 -30.25
C THR A 27 -13.04 -22.86 -29.62
N ALA A 28 -13.46 -21.89 -30.42
CA ALA A 28 -14.43 -20.89 -29.96
C ALA A 28 -15.84 -21.47 -29.91
N ALA A 29 -16.16 -22.38 -30.83
CA ALA A 29 -17.48 -23.01 -30.81
C ALA A 29 -17.59 -24.01 -29.67
N THR A 30 -16.52 -24.74 -29.37
CA THR A 30 -16.54 -25.68 -28.24
C THR A 30 -16.62 -24.94 -26.91
N LYS A 31 -15.97 -23.78 -26.81
CA LYS A 31 -16.00 -23.02 -25.56
C LYS A 31 -17.38 -22.45 -25.29
N LEU A 32 -18.13 -22.09 -26.33
CA LEU A 32 -19.48 -21.56 -26.18
C LEU A 32 -20.53 -22.66 -26.18
N SER A 33 -20.13 -23.92 -26.37
CA SER A 33 -21.05 -25.06 -26.41
C SER A 33 -22.12 -24.86 -27.48
N ILE A 34 -21.71 -24.41 -28.66
CA ILE A 34 -22.58 -24.26 -29.82
C ILE A 34 -21.92 -24.95 -31.01
N SER A 35 -22.68 -25.05 -32.10
CA SER A 35 -22.19 -25.73 -33.27
C SER A 35 -21.30 -24.81 -34.10
N GLN A 36 -20.46 -25.43 -34.93
CA GLN A 36 -19.61 -24.65 -35.82
C GLN A 36 -20.39 -23.84 -36.85
N PRO A 37 -21.50 -24.34 -37.44
CA PRO A 37 -22.28 -23.46 -38.33
C PRO A 37 -22.95 -22.31 -37.59
N SER A 38 -23.45 -22.56 -36.37
CA SER A 38 -24.09 -21.47 -35.62
C SER A 38 -23.09 -20.36 -35.32
N LEU A 39 -21.86 -20.71 -34.99
CA LEU A 39 -20.83 -19.71 -34.74
C LEU A 39 -20.58 -18.86 -35.99
N SER A 40 -20.45 -19.51 -37.15
CA SER A 40 -20.13 -18.79 -38.38
C SER A 40 -21.27 -17.90 -38.84
N GLN A 41 -22.51 -18.23 -38.49
CA GLN A 41 -23.63 -17.41 -38.95
C GLN A 41 -23.76 -16.14 -38.12
N ALA A 42 -23.54 -16.23 -36.80
CA ALA A 42 -23.59 -15.03 -35.97
C ALA A 42 -22.49 -14.05 -36.34
N LEU A 43 -21.31 -14.57 -36.73
CA LEU A 43 -20.22 -13.69 -37.14
C LEU A 43 -20.55 -12.99 -38.45
N VAL A 44 -21.06 -13.74 -39.42
CA VAL A 44 -21.40 -13.13 -40.71
C VAL A 44 -22.58 -12.19 -40.57
N ALA A 45 -23.54 -12.52 -39.68
CA ALA A 45 -24.64 -11.60 -39.42
C ALA A 45 -24.14 -10.32 -38.78
N LEU A 46 -23.18 -10.43 -37.86
CA LEU A 46 -22.60 -9.23 -37.26
C LEU A 46 -21.80 -8.43 -38.28
N GLU A 47 -21.04 -9.11 -39.13
CA GLU A 47 -20.26 -8.42 -40.16
C GLU A 47 -21.18 -7.74 -41.18
N THR A 48 -22.25 -8.41 -41.59
CA THR A 48 -23.15 -7.82 -42.57
C THR A 48 -23.97 -6.69 -41.96
N GLY A 49 -24.42 -6.86 -40.72
CA GLY A 49 -25.19 -5.81 -40.07
C GLY A 49 -24.43 -4.53 -39.88
N LEU A 50 -23.11 -4.63 -39.67
CA LEU A 50 -22.26 -3.45 -39.51
C LEU A 50 -21.59 -3.03 -40.81
N GLY A 51 -21.49 -3.93 -41.79
CA GLY A 51 -20.85 -3.59 -43.05
C GLY A 51 -19.34 -3.43 -42.96
N VAL A 52 -18.68 -4.21 -42.11
CA VAL A 52 -17.24 -4.15 -41.94
C VAL A 52 -16.69 -5.54 -41.75
N GLN A 53 -15.47 -5.76 -42.23
CA GLN A 53 -14.80 -7.05 -42.09
CA GLN A 53 -14.80 -7.05 -42.09
C GLN A 53 -14.14 -7.11 -40.71
N LEU A 54 -14.66 -7.98 -39.84
CA LEU A 54 -14.13 -8.08 -38.48
C LEU A 54 -13.05 -9.14 -38.34
N ILE A 55 -13.14 -10.24 -39.10
CA ILE A 55 -12.22 -11.36 -38.98
C ILE A 55 -11.68 -11.69 -40.35
N GLU A 56 -10.36 -11.86 -40.45
CA GLU A 56 -9.70 -12.26 -41.68
C GLU A 56 -9.42 -13.76 -41.62
N ARG A 57 -10.07 -14.52 -42.48
CA ARG A 57 -9.98 -15.97 -42.46
C ARG A 57 -8.78 -16.45 -43.27
N SER A 58 -7.92 -17.23 -42.65
CA SER A 58 -6.82 -17.92 -43.31
C SER A 58 -6.91 -19.41 -43.01
N THR A 59 -6.07 -20.19 -43.70
CA THR A 59 -6.08 -21.63 -43.49
C THR A 59 -5.32 -22.02 -42.22
N ARG A 60 -4.20 -21.35 -41.94
CA ARG A 60 -3.41 -21.65 -40.75
C ARG A 60 -4.17 -21.25 -39.50
N LYS A 61 -4.41 -19.96 -39.33
CA LYS A 61 -5.17 -19.46 -38.19
C LYS A 61 -5.92 -18.21 -38.62
N VAL A 62 -6.81 -17.75 -37.74
CA VAL A 62 -7.64 -16.58 -37.99
C VAL A 62 -7.00 -15.37 -37.31
N ILE A 63 -7.04 -14.23 -37.98
CA ILE A 63 -6.51 -12.99 -37.44
C ILE A 63 -7.63 -11.96 -37.38
N VAL A 64 -7.56 -11.09 -36.37
CA VAL A 64 -8.53 -10.02 -36.22
C VAL A 64 -8.12 -8.86 -37.13
N THR A 65 -9.09 -8.32 -37.86
CA THR A 65 -8.81 -7.24 -38.79
C THR A 65 -8.48 -5.96 -38.03
N PRO A 66 -7.83 -4.99 -38.69
CA PRO A 66 -7.60 -3.69 -38.03
C PRO A 66 -8.86 -3.07 -37.45
N ALA A 67 -9.97 -3.09 -38.19
CA ALA A 67 -11.22 -2.58 -37.65
C ALA A 67 -11.73 -3.43 -36.50
N GLY A 68 -11.45 -4.74 -36.53
CA GLY A 68 -11.88 -5.60 -35.45
C GLY A 68 -11.14 -5.33 -34.16
N GLU A 69 -9.86 -4.97 -34.24
CA GLU A 69 -9.08 -4.69 -33.04
C GLU A 69 -9.63 -3.48 -32.29
N LYS A 70 -10.09 -2.46 -33.01
CA LYS A 70 -10.62 -1.28 -32.35
C LYS A 70 -11.96 -1.55 -31.67
N LEU A 71 -12.74 -2.48 -32.20
CA LEU A 71 -14.06 -2.77 -31.66
C LEU A 71 -14.05 -3.80 -30.55
N LEU A 72 -13.03 -4.67 -30.50
CA LEU A 72 -12.99 -5.75 -29.52
C LEU A 72 -13.13 -5.28 -28.07
N PRO A 73 -12.44 -4.24 -27.60
CA PRO A 73 -12.64 -3.82 -26.20
C PRO A 73 -14.06 -3.38 -25.91
N PHE A 74 -14.72 -2.71 -26.86
CA PHE A 74 -16.09 -2.27 -26.63
C PHE A 74 -17.06 -3.44 -26.58
N ALA A 75 -16.78 -4.51 -27.32
CA ALA A 75 -17.64 -5.69 -27.25
C ALA A 75 -17.46 -6.44 -25.94
N LYS A 76 -16.24 -6.46 -25.39
CA LYS A 76 -16.01 -7.17 -24.14
C LYS A 76 -16.63 -6.41 -22.96
N SER A 77 -16.56 -5.08 -22.97
CA SER A 77 -17.21 -4.31 -21.92
C SER A 77 -18.73 -4.43 -21.99
N THR A 78 -19.29 -4.63 -23.19
CA THR A 78 -20.72 -4.87 -23.30
C THR A 78 -21.11 -6.20 -22.67
N LEU A 79 -20.30 -7.24 -22.89
CA LEU A 79 -20.58 -8.54 -22.30
C LEU A 79 -20.39 -8.53 -20.79
N ASP A 80 -19.35 -7.83 -20.31
CA ASP A 80 -19.12 -7.73 -18.87
C ASP A 80 -20.27 -7.00 -18.18
N ALA A 81 -20.84 -6.00 -18.85
CA ALA A 81 -21.97 -5.28 -18.26
C ALA A 81 -23.22 -6.16 -18.20
N ALA A 82 -23.46 -6.95 -19.25
CA ALA A 82 -24.62 -7.84 -19.26
C ALA A 82 -24.43 -8.99 -18.27
N GLU A 83 -23.21 -9.54 -18.19
CA GLU A 83 -22.94 -10.60 -17.23
C GLU A 83 -23.04 -10.09 -15.79
N SER A 84 -22.72 -8.81 -15.57
CA SER A 84 -22.89 -8.23 -14.24
C SER A 84 -24.37 -8.02 -13.91
N PHE A 85 -25.20 -7.76 -14.92
CA PHE A 85 -26.64 -7.63 -14.68
C PHE A 85 -27.25 -8.95 -14.26
N LEU A 86 -26.85 -10.05 -14.91
CA LEU A 86 -27.35 -11.37 -14.52
C LEU A 86 -26.84 -11.78 -13.15
N SER A 87 -25.62 -11.35 -12.80
CA SER A 87 -25.07 -11.68 -11.49
C SER A 87 -25.87 -11.02 -10.37
N HIS A 88 -26.22 -9.75 -10.53
CA HIS A 88 -26.99 -9.07 -9.50
C HIS A 88 -28.46 -9.46 -9.52
N ALA A 89 -28.99 -9.87 -10.67
CA ALA A 89 -30.38 -10.32 -10.69
C ALA A 89 -30.55 -11.65 -9.96
N LYS A 90 -29.61 -12.58 -10.16
CA LYS A 90 -29.67 -13.84 -9.43
C LYS A 90 -29.04 -13.73 -8.06
N GLY A 91 -28.10 -12.78 -7.88
CA GLY A 91 -27.45 -12.64 -6.59
C GLY A 91 -28.38 -12.11 -5.51
N ALA A 92 -29.40 -11.34 -5.90
CA ALA A 92 -30.29 -10.73 -4.92
C ALA A 92 -31.05 -11.76 -4.11
N ASN A 93 -31.23 -12.97 -4.63
CA ASN A 93 -31.92 -14.03 -3.92
C ASN A 93 -30.96 -15.06 -3.32
N GLY A 94 -29.66 -14.94 -3.60
CA GLY A 94 -28.66 -15.82 -3.02
C GLY A 94 -27.95 -16.73 -4.00
N SER A 95 -28.22 -16.60 -5.29
CA SER A 95 -27.61 -17.49 -6.27
C SER A 95 -26.14 -17.13 -6.50
N LEU A 96 -25.30 -18.16 -6.56
CA LEU A 96 -23.87 -18.02 -6.83
C LEU A 96 -23.62 -18.38 -8.28
N THR A 97 -23.81 -17.41 -9.17
CA THR A 97 -23.56 -17.61 -10.60
C THR A 97 -22.73 -16.46 -11.15
N GLY A 98 -22.10 -16.72 -12.29
CA GLY A 98 -21.26 -15.75 -12.95
C GLY A 98 -19.95 -15.52 -12.21
N PRO A 99 -19.20 -14.51 -12.65
CA PRO A 99 -17.90 -14.23 -12.01
C PRO A 99 -18.08 -13.70 -10.60
N LEU A 100 -17.10 -14.01 -9.76
CA LEU A 100 -17.04 -13.47 -8.39
C LEU A 100 -15.58 -13.34 -8.01
N THR A 101 -15.07 -12.11 -7.97
CA THR A 101 -13.68 -11.85 -7.65
C THR A 101 -13.56 -11.67 -6.13
N VAL A 102 -12.91 -12.63 -5.48
CA VAL A 102 -12.74 -12.62 -4.03
CA VAL A 102 -12.75 -12.61 -4.03
C VAL A 102 -11.31 -12.23 -3.70
N GLY A 103 -11.15 -11.40 -2.68
CA GLY A 103 -9.85 -10.99 -2.19
C GLY A 103 -9.56 -11.66 -0.86
N ILE A 104 -8.35 -12.20 -0.73
CA ILE A 104 -7.94 -12.93 0.47
C ILE A 104 -6.59 -12.40 0.92
N ILE A 105 -6.43 -12.22 2.23
CA ILE A 105 -5.16 -11.79 2.81
C ILE A 105 -4.13 -12.90 2.63
N PRO A 106 -2.84 -12.59 2.54
CA PRO A 106 -1.85 -13.62 2.22
C PRO A 106 -1.64 -14.65 3.33
N THR A 107 -1.94 -14.32 4.58
CA THR A 107 -1.78 -15.29 5.66
C THR A 107 -2.94 -16.27 5.76
N ALA A 108 -3.91 -16.19 4.85
CA ALA A 108 -5.02 -17.12 4.82
C ALA A 108 -5.27 -17.74 3.44
N ALA A 109 -4.81 -17.11 2.36
CA ALA A 109 -5.11 -17.60 1.02
C ALA A 109 -4.60 -19.02 0.78
N PRO A 110 -3.29 -19.31 0.89
CA PRO A 110 -2.82 -20.65 0.49
C PRO A 110 -3.30 -21.76 1.40
N TYR A 111 -3.89 -21.44 2.55
CA TYR A 111 -4.39 -22.44 3.48
C TYR A 111 -5.89 -22.64 3.40
N ILE A 112 -6.61 -21.70 2.80
CA ILE A 112 -8.06 -21.83 2.64
C ILE A 112 -8.45 -22.18 1.20
N LEU A 113 -7.59 -21.89 0.22
CA LEU A 113 -7.95 -22.11 -1.19
C LEU A 113 -8.17 -23.57 -1.54
N PRO A 114 -7.31 -24.53 -1.14
CA PRO A 114 -7.53 -25.93 -1.60
C PRO A 114 -8.91 -26.47 -1.31
N SER A 115 -9.40 -26.32 -0.08
CA SER A 115 -10.75 -26.78 0.24
C SER A 115 -11.81 -25.86 -0.38
N MET A 116 -11.53 -24.56 -0.45
CA MET A 116 -12.52 -23.62 -1.00
C MET A 116 -12.71 -23.83 -2.50
N LEU A 117 -11.61 -24.03 -3.24
CA LEU A 117 -11.72 -24.23 -4.68
C LEU A 117 -12.35 -25.58 -5.00
N SER A 118 -12.14 -26.59 -4.15
N SER A 118 -12.14 -26.59 -4.15
CA SER A 118 -12.72 -27.90 -4.41
CA SER A 118 -12.72 -27.90 -4.41
C SER A 118 -14.23 -27.91 -4.14
C SER A 118 -14.23 -27.92 -4.13
N ILE A 119 -14.69 -27.07 -3.22
CA ILE A 119 -16.12 -27.04 -2.90
C ILE A 119 -16.91 -26.36 -4.01
N VAL A 120 -16.37 -25.27 -4.57
CA VAL A 120 -17.10 -24.55 -5.62
C VAL A 120 -17.08 -25.33 -6.92
N ASP A 121 -16.05 -26.14 -7.16
CA ASP A 121 -15.98 -26.89 -8.41
C ASP A 121 -16.94 -28.08 -8.42
N GLU A 122 -17.24 -28.65 -7.27
N GLU A 122 -17.24 -28.65 -7.27
CA GLU A 122 -18.12 -29.81 -7.16
CA GLU A 122 -18.12 -29.81 -7.16
C GLU A 122 -19.56 -29.46 -6.85
C GLU A 122 -19.56 -29.46 -6.87
N GLU A 123 -19.81 -28.37 -6.12
CA GLU A 123 -21.16 -28.03 -5.69
C GLU A 123 -21.72 -26.74 -6.27
N TYR A 124 -20.89 -25.90 -6.90
CA TYR A 124 -21.34 -24.64 -7.48
C TYR A 124 -20.69 -24.47 -8.85
N PRO A 125 -21.10 -25.26 -9.84
CA PRO A 125 -20.41 -25.23 -11.14
C PRO A 125 -20.65 -23.95 -11.93
N ASP A 126 -21.77 -23.26 -11.71
CA ASP A 126 -22.03 -22.02 -12.42
C ASP A 126 -21.18 -20.86 -11.90
N LEU A 127 -20.64 -20.98 -10.69
CA LEU A 127 -19.80 -19.93 -10.14
C LEU A 127 -18.44 -19.91 -10.83
N GLU A 128 -17.92 -18.70 -11.04
CA GLU A 128 -16.65 -18.49 -11.73
C GLU A 128 -15.75 -17.68 -10.80
N PRO A 129 -15.01 -18.33 -9.91
CA PRO A 129 -14.24 -17.60 -8.90
C PRO A 129 -12.92 -17.08 -9.43
N HIS A 130 -12.58 -15.87 -9.00
CA HIS A 130 -11.29 -15.25 -9.30
C HIS A 130 -10.63 -14.85 -7.98
N ILE A 131 -9.37 -15.22 -7.81
CA ILE A 131 -8.66 -15.03 -6.55
C ILE A 131 -7.71 -13.86 -6.67
N VAL A 132 -7.73 -12.98 -5.68
CA VAL A 132 -6.81 -11.85 -5.60
C VAL A 132 -6.18 -11.87 -4.22
N GLU A 133 -4.87 -12.13 -4.17
CA GLU A 133 -4.13 -12.18 -2.91
C GLU A 133 -3.30 -10.92 -2.77
N ASP A 134 -3.61 -10.11 -1.76
CA ASP A 134 -2.85 -8.90 -1.46
C ASP A 134 -3.11 -8.51 -0.01
N GLN A 135 -2.41 -7.48 0.45
CA GLN A 135 -2.51 -7.05 1.83
C GLN A 135 -3.88 -6.40 2.08
N THR A 136 -4.16 -6.16 3.36
CA THR A 136 -5.48 -5.67 3.75
C THR A 136 -5.77 -4.29 3.17
N LYS A 137 -4.76 -3.41 3.16
CA LYS A 137 -4.99 -2.06 2.67
C LYS A 137 -5.32 -2.05 1.18
N HIS A 138 -4.61 -2.86 0.40
CA HIS A 138 -4.87 -2.92 -1.03
C HIS A 138 -6.20 -3.58 -1.34
N LEU A 139 -6.63 -4.55 -0.51
CA LEU A 139 -7.91 -5.19 -0.73
C LEU A 139 -9.07 -4.21 -0.55
N LEU A 140 -9.04 -3.43 0.55
CA LEU A 140 -10.08 -2.44 0.77
C LEU A 140 -10.07 -1.36 -0.31
N ALA A 141 -8.88 -1.01 -0.80
CA ALA A 141 -8.79 -0.06 -1.91
C ALA A 141 -9.44 -0.65 -3.17
N LEU A 142 -9.08 -1.89 -3.52
CA LEU A 142 -9.71 -2.54 -4.67
C LEU A 142 -11.19 -2.79 -4.46
N LEU A 143 -11.65 -2.83 -3.20
CA LEU A 143 -13.07 -3.07 -2.94
C LEU A 143 -13.89 -1.80 -3.15
N ARG A 144 -13.36 -0.64 -2.74
CA ARG A 144 -14.06 0.62 -2.99
C ARG A 144 -14.15 0.91 -4.48
N ASP A 145 -13.06 0.67 -5.21
CA ASP A 145 -13.01 0.96 -6.63
C ASP A 145 -13.60 -0.15 -7.50
N GLY A 146 -14.26 -1.14 -6.88
CA GLY A 146 -14.95 -2.17 -7.62
C GLY A 146 -14.07 -3.22 -8.26
N ALA A 147 -12.76 -3.20 -8.00
CA ALA A 147 -11.88 -4.15 -8.66
C ALA A 147 -12.09 -5.57 -8.15
N ILE A 148 -12.59 -5.71 -6.93
CA ILE A 148 -12.98 -7.01 -6.37
C ILE A 148 -14.37 -6.85 -5.80
N ASP A 149 -15.11 -7.97 -5.74
CA ASP A 149 -16.48 -7.95 -5.27
C ASP A 149 -16.60 -8.15 -3.76
N VAL A 150 -15.72 -8.96 -3.18
CA VAL A 150 -15.76 -9.25 -1.75
C VAL A 150 -14.34 -9.55 -1.28
N ALA A 151 -14.11 -9.36 0.01
CA ALA A 151 -12.77 -9.52 0.58
C ALA A 151 -12.83 -10.34 1.85
N MET A 152 -11.90 -11.28 1.98
CA MET A 152 -11.74 -12.09 3.17
C MET A 152 -10.56 -11.54 3.95
N MET A 153 -10.80 -11.07 5.17
CA MET A 153 -9.77 -10.41 5.96
C MET A 153 -10.15 -10.50 7.43
N ALA A 154 -9.28 -9.95 8.28
CA ALA A 154 -9.48 -9.99 9.72
C ALA A 154 -10.37 -8.83 10.17
N LEU A 155 -11.31 -9.14 11.07
CA LEU A 155 -12.19 -8.13 11.65
C LEU A 155 -11.61 -7.59 12.96
N PRO A 156 -11.86 -6.32 13.29
CA PRO A 156 -12.65 -5.36 12.51
C PRO A 156 -11.85 -4.73 11.38
N SER A 157 -12.52 -4.40 10.27
CA SER A 157 -11.86 -3.73 9.15
C SER A 157 -11.81 -2.23 9.32
N GLU A 158 -12.67 -1.65 10.16
CA GLU A 158 -12.72 -0.22 10.44
C GLU A 158 -12.97 0.64 9.21
N ALA A 159 -13.28 0.04 8.07
CA ALA A 159 -13.48 0.86 6.88
C ALA A 159 -14.94 1.27 6.76
N PRO A 160 -15.21 2.54 6.46
CA PRO A 160 -16.59 3.00 6.34
C PRO A 160 -17.18 2.62 4.98
N GLY A 161 -18.51 2.59 4.94
CA GLY A 161 -19.22 2.19 3.74
C GLY A 161 -19.13 0.71 3.42
N MET A 162 -18.53 -0.08 4.30
CA MET A 162 -18.42 -1.52 4.10
C MET A 162 -19.24 -2.25 5.17
N LYS A 163 -19.64 -3.47 4.85
CA LYS A 163 -20.32 -4.34 5.80
C LYS A 163 -19.56 -5.65 5.96
N GLU A 164 -19.55 -6.17 7.19
CA GLU A 164 -18.76 -7.33 7.56
C GLU A 164 -19.67 -8.52 7.83
N ILE A 165 -19.22 -9.70 7.40
CA ILE A 165 -19.89 -10.97 7.73
C ILE A 165 -18.91 -11.83 8.54
N PRO A 166 -19.12 -11.99 9.84
CA PRO A 166 -18.18 -12.79 10.64
C PRO A 166 -18.20 -14.26 10.23
N LEU A 167 -17.02 -14.80 9.95
CA LEU A 167 -16.86 -16.16 9.47
C LEU A 167 -16.48 -17.13 10.57
N TYR A 168 -15.30 -16.95 11.16
CA TYR A 168 -14.78 -17.89 12.16
C TYR A 168 -13.70 -17.20 12.97
N ASP A 169 -13.35 -17.84 14.10
CA ASP A 169 -12.25 -17.43 14.94
C ASP A 169 -11.13 -18.46 14.83
N GLU A 170 -9.95 -18.01 14.42
CA GLU A 170 -8.82 -18.88 14.12
C GLU A 170 -7.75 -18.71 15.18
N ASP A 171 -7.44 -19.78 15.91
CA ASP A 171 -6.47 -19.72 16.99
C ASP A 171 -5.05 -19.60 16.45
N PHE A 172 -4.16 -19.09 17.29
CA PHE A 172 -2.74 -19.01 17.00
C PHE A 172 -1.99 -20.15 17.68
N ILE A 173 -0.82 -20.47 17.12
CA ILE A 173 0.08 -21.44 17.73
C ILE A 173 1.49 -20.87 17.69
N VAL A 174 2.27 -21.17 18.72
CA VAL A 174 3.63 -20.68 18.85
C VAL A 174 4.58 -21.67 18.18
N VAL A 175 5.46 -21.17 17.33
CA VAL A 175 6.43 -21.98 16.61
C VAL A 175 7.82 -21.56 17.06
N THR A 176 8.56 -22.48 17.67
CA THR A 176 9.91 -22.28 18.13
C THR A 176 10.84 -23.30 17.48
N ALA A 177 12.13 -23.18 17.77
CA ALA A 177 13.07 -24.21 17.36
C ALA A 177 12.89 -25.46 18.21
N SER A 178 13.43 -26.57 17.72
CA SER A 178 13.32 -27.84 18.45
C SER A 178 14.05 -27.78 19.78
N ASP A 179 15.17 -27.06 19.85
CA ASP A 179 15.97 -26.95 21.06
C ASP A 179 15.50 -25.84 21.99
N HIS A 180 14.47 -25.08 21.60
CA HIS A 180 14.03 -23.97 22.43
C HIS A 180 13.41 -24.49 23.73
N PRO A 181 13.60 -23.78 24.84
CA PRO A 181 13.02 -24.27 26.11
C PRO A 181 11.51 -24.40 26.09
N PHE A 182 10.81 -23.45 25.46
CA PHE A 182 9.35 -23.47 25.44
C PHE A 182 8.77 -24.53 24.51
N ALA A 183 9.62 -25.18 23.71
CA ALA A 183 9.16 -26.19 22.75
C ALA A 183 8.32 -27.26 23.43
N GLY A 184 7.11 -27.46 22.92
CA GLY A 184 6.23 -28.50 23.40
C GLY A 184 5.33 -28.12 24.55
N ARG A 185 5.55 -26.96 25.18
CA ARG A 185 4.72 -26.56 26.31
C ARG A 185 3.32 -26.20 25.84
N GLN A 186 2.32 -26.58 26.64
CA GLN A 186 0.92 -26.33 26.33
C GLN A 186 0.23 -25.51 27.40
N ASP A 187 1.00 -24.78 28.23
CA ASP A 187 0.44 -24.06 29.38
C ASP A 187 0.98 -22.64 29.47
N LEU A 188 1.48 -22.09 28.37
CA LEU A 188 2.12 -20.78 28.39
C LEU A 188 1.12 -19.68 28.74
N GLU A 189 1.62 -18.65 29.43
CA GLU A 189 0.88 -17.42 29.67
C GLU A 189 1.40 -16.33 28.74
N LEU A 190 0.64 -15.23 28.67
CA LEU A 190 1.04 -14.12 27.81
C LEU A 190 2.36 -13.50 28.25
N SER A 191 2.69 -13.61 29.53
CA SER A 191 3.98 -13.12 30.02
C SER A 191 5.16 -13.83 29.37
N ALA A 192 4.95 -15.05 28.86
CA ALA A 192 6.03 -15.80 28.23
C ALA A 192 6.50 -15.17 26.92
N LEU A 193 5.70 -14.27 26.33
CA LEU A 193 6.14 -13.60 25.11
C LEU A 193 7.35 -12.71 25.36
N GLU A 194 7.53 -12.23 26.60
CA GLU A 194 8.71 -11.44 26.93
C GLU A 194 9.99 -12.23 26.66
N ASP A 195 10.01 -13.51 27.05
CA ASP A 195 11.21 -14.32 26.90
C ASP A 195 11.51 -14.61 25.43
N LEU A 196 10.50 -14.60 24.58
CA LEU A 196 10.69 -14.91 23.17
C LEU A 196 11.23 -13.71 22.41
N ASP A 197 11.97 -14.00 21.35
CA ASP A 197 12.46 -13.00 20.40
C ASP A 197 11.64 -13.16 19.13
N LEU A 198 10.50 -12.46 19.08
CA LEU A 198 9.52 -12.70 18.03
C LEU A 198 10.01 -12.17 16.70
N LEU A 199 9.78 -12.96 15.64
CA LEU A 199 10.01 -12.54 14.26
C LEU A 199 8.66 -12.30 13.60
N LEU A 200 8.41 -11.05 13.24
CA LEU A 200 7.11 -10.60 12.76
C LEU A 200 7.18 -10.24 11.27
N LEU A 201 6.03 -10.34 10.62
CA LEU A 201 5.85 -9.86 9.27
C LEU A 201 5.82 -8.33 9.30
N ASP A 202 6.04 -7.72 8.14
CA ASP A 202 6.19 -6.27 8.04
C ASP A 202 4.88 -5.57 8.42
N ASP A 203 4.83 -4.25 8.24
CA ASP A 203 3.76 -3.47 8.84
C ASP A 203 2.44 -3.57 8.11
N GLY A 204 2.44 -4.04 6.86
CA GLY A 204 1.16 -4.11 6.16
C GLY A 204 0.40 -5.39 6.34
N HIS A 205 1.00 -6.40 6.95
CA HIS A 205 0.34 -7.68 7.20
C HIS A 205 -0.50 -7.59 8.48
N SER A 206 -1.74 -8.05 8.41
CA SER A 206 -2.62 -8.00 9.58
C SER A 206 -2.13 -8.89 10.71
N LEU A 207 -1.33 -9.91 10.41
CA LEU A 207 -0.76 -10.74 11.46
C LEU A 207 0.29 -9.99 12.29
N HIS A 208 0.89 -8.94 11.71
CA HIS A 208 1.87 -8.14 12.46
C HIS A 208 1.23 -7.44 13.65
N ASP A 209 0.00 -6.94 13.49
CA ASP A 209 -0.65 -6.23 14.57
C ASP A 209 -1.48 -7.15 15.47
N GLN A 210 -1.81 -8.35 15.00
CA GLN A 210 -2.49 -9.35 15.82
C GLN A 210 -1.56 -9.97 16.85
N ILE A 211 -0.27 -9.67 16.79
CA ILE A 211 0.70 -10.20 17.73
C ILE A 211 1.31 -9.11 18.59
N VAL A 212 1.39 -7.88 18.08
CA VAL A 212 1.92 -6.78 18.87
C VAL A 212 0.91 -6.39 19.95
N ASP A 213 -0.38 -6.35 19.61
CA ASP A 213 -1.40 -6.11 20.62
C ASP A 213 -1.55 -7.29 21.56
N LEU A 214 -1.02 -8.45 21.20
CA LEU A 214 -1.13 -9.64 22.03
C LEU A 214 -0.13 -9.54 23.19
N ARG A 216 1.04 -6.53 24.27
CA ARG A 216 0.62 -5.38 25.07
C ARG A 216 -0.53 -5.77 26.00
N ARG A 217 -1.18 -6.90 25.68
CA ARG A 217 -2.19 -7.45 26.57
C ARG A 217 -1.58 -8.08 27.80
N GLY A 218 -0.31 -8.45 27.75
CA GLY A 218 0.37 -9.06 28.87
C GLY A 218 1.45 -8.19 29.48
N ASP A 219 1.24 -6.87 29.42
CA ASP A 219 2.14 -5.89 30.05
C ASP A 219 3.55 -5.96 29.46
N ILE A 220 3.63 -6.14 28.14
CA ILE A 220 4.89 -6.30 27.43
C ILE A 220 5.13 -5.10 26.53
N ASN A 221 6.39 -4.69 26.42
CA ASN A 221 6.79 -3.64 25.50
C ASN A 221 7.41 -4.29 24.27
N PRO A 222 6.69 -4.37 23.14
CA PRO A 222 7.25 -5.04 21.96
C PRO A 222 8.15 -4.14 21.12
N ILE A 223 8.73 -3.12 21.74
CA ILE A 223 9.55 -2.17 20.99
C ILE A 223 10.77 -2.86 20.39
N SER A 224 11.39 -3.77 21.14
CA SER A 224 12.60 -4.44 20.66
C SER A 224 12.32 -5.41 19.51
N SER A 225 11.09 -5.86 19.35
CA SER A 225 10.75 -6.83 18.31
C SER A 225 10.19 -6.20 17.05
N THR A 226 9.48 -5.07 17.17
CA THR A 226 8.87 -4.46 16.00
C THR A 226 9.85 -3.57 15.24
N THR A 227 10.60 -2.74 15.99
CA THR A 227 11.62 -1.90 15.39
C THR A 227 12.93 -2.65 15.13
N ALA A 228 12.89 -3.98 15.06
CA ALA A 228 14.10 -4.74 14.80
C ALA A 228 14.52 -4.57 13.35
N VAL A 229 15.66 -5.17 13.01
CA VAL A 229 16.20 -5.05 11.66
C VAL A 229 15.69 -6.19 10.76
N THR A 230 15.78 -7.42 11.25
CA THR A 230 15.30 -8.57 10.48
C THR A 230 13.81 -8.45 10.21
N ARG A 231 13.41 -8.68 8.96
CA ARG A 231 12.03 -8.45 8.54
C ARG A 231 11.74 -9.30 7.32
N ALA A 232 10.69 -10.12 7.41
CA ALA A 232 10.28 -10.99 6.31
C ALA A 232 8.88 -10.64 5.84
N SER A 233 8.56 -11.05 4.61
CA SER A 233 7.27 -10.78 4.01
C SER A 233 6.38 -12.01 3.88
N SER A 234 6.90 -13.21 4.15
CA SER A 234 6.13 -14.43 4.01
C SER A 234 6.39 -15.34 5.20
N LEU A 235 5.40 -16.20 5.49
CA LEU A 235 5.53 -17.13 6.61
C LEU A 235 6.63 -18.15 6.36
N THR A 236 6.78 -18.61 5.12
CA THR A 236 7.79 -19.61 4.81
C THR A 236 9.20 -19.08 5.05
N THR A 237 9.42 -17.78 4.87
CA THR A 237 10.73 -17.21 5.18
C THR A 237 10.93 -17.09 6.68
N VAL A 238 9.89 -16.71 7.42
CA VAL A 238 9.96 -16.66 8.88
C VAL A 238 10.29 -18.04 9.44
N MET A 239 9.71 -19.08 8.85
CA MET A 239 9.96 -20.44 9.34
C MET A 239 11.43 -20.82 9.23
N GLN A 240 12.08 -20.45 8.12
CA GLN A 240 13.49 -20.77 7.97
C GLN A 240 14.35 -20.06 9.00
N LEU A 241 13.94 -18.87 9.43
CA LEU A 241 14.67 -18.18 10.49
C LEU A 241 14.47 -18.85 11.83
N VAL A 242 13.28 -19.41 12.08
CA VAL A 242 13.02 -20.09 13.35
C VAL A 242 13.81 -21.38 13.42
N VAL A 243 13.94 -22.09 12.29
CA VAL A 243 14.74 -23.31 12.26
C VAL A 243 16.20 -23.00 12.60
N ALA A 244 16.70 -21.86 12.10
CA ALA A 244 18.07 -21.46 12.38
C ALA A 244 18.27 -20.91 13.78
N GLY A 245 17.21 -20.83 14.58
CA GLY A 245 17.33 -20.36 15.94
C GLY A 245 17.50 -18.87 16.10
N LEU A 246 16.93 -18.07 15.18
CA LEU A 246 16.99 -16.62 15.28
C LEU A 246 15.73 -16.03 15.87
N GLY A 247 14.93 -16.82 16.59
CA GLY A 247 13.72 -16.35 17.23
C GLY A 247 12.55 -17.26 16.98
N SER A 248 11.42 -16.90 17.59
CA SER A 248 10.18 -17.64 17.48
C SER A 248 9.12 -16.77 16.79
N THR A 249 7.95 -17.34 16.58
CA THR A 249 6.86 -16.65 15.90
C THR A 249 5.54 -17.33 16.22
N LEU A 250 4.45 -16.64 15.92
CA LEU A 250 3.10 -17.17 16.03
C LEU A 250 2.46 -17.26 14.64
N VAL A 251 1.83 -18.39 14.36
CA VAL A 251 1.17 -18.60 13.07
C VAL A 251 -0.25 -19.12 13.31
N PRO A 252 -1.18 -18.89 12.40
CA PRO A 252 -2.53 -19.46 12.54
C PRO A 252 -2.52 -20.96 12.30
N ILE A 253 -3.47 -21.65 12.94
CA ILE A 253 -3.48 -23.11 12.95
C ILE A 253 -3.60 -23.68 11.54
N SER A 254 -4.28 -22.97 10.63
CA SER A 254 -4.44 -23.48 9.28
C SER A 254 -3.13 -23.55 8.51
N ALA A 255 -2.09 -22.85 8.97
CA ALA A 255 -0.79 -22.88 8.31
C ALA A 255 0.07 -24.05 8.78
N ILE A 256 -0.40 -24.85 9.74
CA ILE A 256 0.44 -25.91 10.30
C ILE A 256 0.83 -26.95 9.26
N PRO A 257 -0.10 -27.56 8.50
CA PRO A 257 0.31 -28.61 7.56
C PRO A 257 1.22 -28.12 6.44
N TRP A 258 1.24 -26.81 6.17
CA TRP A 258 2.01 -26.28 5.06
C TRP A 258 3.32 -25.63 5.48
N GLU A 259 3.45 -25.23 6.75
CA GLU A 259 4.63 -24.51 7.20
C GLU A 259 5.28 -25.09 8.45
N CYS A 260 4.59 -25.91 9.24
CA CYS A 260 5.07 -26.33 10.56
C CYS A 260 5.43 -27.81 10.61
N THR A 261 5.64 -28.45 9.46
CA THR A 261 5.99 -29.86 9.41
C THR A 261 7.40 -30.12 8.91
N ARG A 262 8.18 -29.07 8.65
CA ARG A 262 9.56 -29.25 8.25
C ARG A 262 10.44 -29.59 9.46
N PRO A 263 11.58 -30.25 9.23
CA PRO A 263 12.44 -30.61 10.35
C PRO A 263 13.07 -29.39 11.00
N GLY A 264 13.22 -29.47 12.32
CA GLY A 264 13.84 -28.40 13.09
C GLY A 264 12.88 -27.48 13.81
N LEU A 265 11.58 -27.71 13.69
CA LEU A 265 10.56 -26.88 14.31
C LEU A 265 9.89 -27.61 15.47
N ALA A 266 9.18 -26.84 16.28
CA ALA A 266 8.42 -27.36 17.40
C ALA A 266 7.30 -26.37 17.72
N THR A 267 6.18 -26.91 18.19
CA THR A 267 5.00 -26.10 18.45
C THR A 267 4.75 -25.97 19.95
N ALA A 268 3.99 -24.93 20.31
CA ALA A 268 3.63 -24.66 21.69
C ALA A 268 2.37 -23.82 21.69
N ASN A 269 1.51 -24.06 22.69
CA ASN A 269 0.24 -23.35 22.80
C ASN A 269 0.14 -22.65 24.16
N PHE A 270 -0.69 -21.62 24.20
CA PHE A 270 -1.02 -20.96 25.44
C PHE A 270 -2.02 -21.80 26.24
N ASN A 271 -2.27 -21.38 27.47
CA ASN A 271 -3.22 -22.09 28.32
C ASN A 271 -4.65 -21.76 27.90
N SER A 272 -5.59 -22.61 28.34
CA SER A 272 -6.98 -22.49 27.91
C SER A 272 -7.59 -21.16 28.34
N ASP A 273 -7.12 -20.59 29.45
CA ASP A 273 -7.65 -19.33 29.92
C ASP A 273 -7.19 -18.15 29.06
N VAL A 274 -6.12 -18.33 28.31
CA VAL A 274 -5.63 -17.31 27.38
C VAL A 274 -6.35 -17.48 26.05
N THR A 275 -6.70 -16.37 25.42
CA THR A 275 -7.38 -16.38 24.13
C THR A 275 -6.55 -15.57 23.14
N ALA A 276 -5.76 -16.25 22.33
CA ALA A 276 -4.93 -15.64 21.29
C ALA A 276 -5.42 -16.18 19.95
N ASN A 277 -6.22 -15.38 19.24
CA ASN A 277 -6.81 -15.80 17.98
C ASN A 277 -7.04 -14.58 17.10
N ARG A 278 -7.62 -14.83 15.92
CA ARG A 278 -8.03 -13.75 15.04
C ARG A 278 -9.41 -14.06 14.50
N ARG A 279 -10.18 -12.99 14.28
CA ARG A 279 -11.54 -13.10 13.76
C ARG A 279 -11.51 -12.76 12.27
N ILE A 280 -11.77 -13.76 11.43
CA ILE A 280 -11.79 -13.60 9.99
C ILE A 280 -13.23 -13.40 9.55
N GLY A 281 -13.44 -12.48 8.60
CA GLY A 281 -14.78 -12.17 8.15
C GLY A 281 -14.82 -11.82 6.68
N LEU A 282 -16.03 -11.70 6.17
CA LEU A 282 -16.29 -11.34 4.79
C LEU A 282 -16.73 -9.88 4.73
N VAL A 283 -16.06 -9.08 3.89
CA VAL A 283 -16.29 -7.65 3.82
C VAL A 283 -16.73 -7.30 2.39
N TYR A 284 -17.85 -6.57 2.29
CA TYR A 284 -18.38 -6.16 1.00
C TYR A 284 -18.93 -4.75 1.12
N ARG A 285 -19.28 -4.17 -0.03
CA ARG A 285 -19.75 -2.79 -0.06
C ARG A 285 -21.18 -2.69 0.46
N SER A 286 -21.47 -1.56 1.14
CA SER A 286 -22.81 -1.34 1.66
C SER A 286 -23.82 -1.14 0.53
N SER A 287 -23.40 -0.51 -0.57
CA SER A 287 -24.28 -0.30 -1.71
C SER A 287 -24.65 -1.59 -2.43
N SER A 288 -23.98 -2.70 -2.14
CA SER A 288 -24.23 -3.95 -2.85
C SER A 288 -25.62 -4.47 -2.54
N SER A 289 -26.26 -5.04 -3.56
CA SER A 289 -27.57 -5.66 -3.43
C SER A 289 -27.50 -7.18 -3.43
N ARG A 290 -26.30 -7.75 -3.38
CA ARG A 290 -26.09 -9.20 -3.38
C ARG A 290 -25.77 -9.73 -1.99
N ALA A 291 -26.38 -9.15 -0.95
CA ALA A 291 -26.10 -9.57 0.42
C ALA A 291 -26.32 -11.06 0.61
N GLU A 292 -27.50 -11.56 0.21
CA GLU A 292 -27.78 -12.98 0.40
C GLU A 292 -26.87 -13.87 -0.43
N GLU A 293 -26.36 -13.37 -1.57
CA GLU A 293 -25.36 -14.14 -2.30
C GLU A 293 -24.06 -14.24 -1.52
N PHE A 294 -23.64 -13.15 -0.89
CA PHE A 294 -22.43 -13.18 -0.08
C PHE A 294 -22.62 -14.01 1.18
N GLU A 295 -23.82 -13.97 1.76
CA GLU A 295 -24.11 -14.80 2.92
C GLU A 295 -24.00 -16.28 2.58
N GLN A 296 -24.39 -16.66 1.36
CA GLN A 296 -24.23 -18.05 0.93
C GLN A 296 -22.77 -18.39 0.68
N PHE A 297 -22.01 -17.45 0.10
CA PHE A 297 -20.58 -17.68 -0.07
C PHE A 297 -19.86 -17.75 1.26
N ALA A 298 -20.41 -17.12 2.30
CA ALA A 298 -19.82 -17.21 3.63
C ALA A 298 -19.88 -18.63 4.16
N LEU A 299 -20.94 -19.37 3.83
CA LEU A 299 -21.06 -20.76 4.28
C LEU A 299 -20.01 -21.64 3.62
N ILE A 300 -19.64 -21.35 2.38
CA ILE A 300 -18.58 -22.10 1.72
C ILE A 300 -17.24 -21.88 2.44
N LEU A 301 -16.94 -20.63 2.78
CA LEU A 301 -15.70 -20.32 3.47
C LEU A 301 -15.65 -20.95 4.85
N GLN A 302 -16.77 -20.93 5.59
CA GLN A 302 -16.82 -21.58 6.89
C GLN A 302 -16.54 -23.07 6.76
N ARG A 303 -17.12 -23.72 5.76
CA ARG A 303 -16.84 -25.14 5.53
C ARG A 303 -15.39 -25.36 5.12
N ALA A 304 -14.84 -24.48 4.27
CA ALA A 304 -13.46 -24.62 3.86
C ALA A 304 -12.50 -24.46 5.03
N PHE A 305 -12.89 -23.68 6.05
CA PHE A 305 -12.04 -23.52 7.22
C PHE A 305 -12.03 -24.78 8.08
N GLN A 306 -13.19 -25.41 8.25
CA GLN A 306 -13.25 -26.63 9.05
C GLN A 306 -12.47 -27.76 8.41
N GLU A 307 -12.41 -27.81 7.07
CA GLU A 307 -11.54 -28.78 6.41
C GLU A 307 -10.07 -28.44 6.64
N ALA A 308 -9.74 -27.13 6.69
CA ALA A 308 -8.36 -26.74 6.95
C ALA A 308 -7.96 -27.06 8.39
N VAL A 309 -8.88 -26.89 9.33
CA VAL A 309 -8.60 -27.26 10.72
C VAL A 309 -8.45 -28.77 10.84
N ALA A 310 -9.30 -29.53 10.14
CA ALA A 310 -9.19 -30.98 10.15
C ALA A 310 -7.84 -31.43 9.60
N LEU A 311 -7.35 -30.76 8.55
CA LEU A 311 -6.04 -31.08 8.02
C LEU A 311 -4.94 -30.78 9.03
N ALA A 312 -5.10 -29.69 9.79
CA ALA A 312 -4.14 -29.36 10.83
C ALA A 312 -4.12 -30.42 11.93
N ALA A 313 -5.31 -30.87 12.35
CA ALA A 313 -5.40 -31.92 13.37
C ALA A 313 -4.83 -33.24 12.87
N SER A 314 -4.86 -33.47 11.55
CA SER A 314 -4.35 -34.72 10.99
C SER A 314 -2.83 -34.86 11.13
N THR A 315 -2.12 -33.78 11.46
CA THR A 315 -0.67 -33.87 11.61
C THR A 315 -0.24 -34.49 12.93
N GLY A 316 -1.15 -34.57 13.91
CA GLY A 316 -0.80 -35.05 15.23
C GLY A 316 -0.29 -33.97 16.16
N ILE A 317 -0.07 -32.76 15.66
CA ILE A 317 0.39 -31.66 16.50
C ILE A 317 -0.75 -31.18 17.39
N THR A 318 -0.45 -31.01 18.68
CA THR A 318 -1.47 -30.57 19.63
C THR A 318 -1.93 -29.16 19.31
N LEU A 319 -3.23 -28.99 19.16
CA LEU A 319 -3.79 -27.66 18.94
C LEU A 319 -4.22 -27.03 20.25
N LYS A 320 -4.40 -25.71 20.22
CA LYS A 320 -4.86 -24.99 21.41
C LYS A 320 -6.26 -25.46 21.81
N GLN A 321 -6.43 -25.74 23.10
CA GLN A 321 -7.72 -26.07 23.67
C GLN A 321 -8.23 -24.85 24.41
N ASN A 322 -9.33 -24.27 23.92
CA ASN A 322 -9.91 -23.09 24.55
C ASN A 322 -10.91 -23.43 25.64
N VAL A 323 -11.41 -24.67 25.68
CA VAL A 323 -12.41 -25.10 26.64
C VAL A 323 -12.06 -26.51 27.10
N ALA A 324 -12.83 -27.02 28.05
CA ALA A 324 -12.66 -28.37 28.53
C ALA A 324 -13.39 -29.35 27.61
N VAL A 325 -13.04 -30.62 27.74
CA VAL A 325 -13.65 -31.67 26.92
C VAL A 325 -14.47 -32.62 27.78
N TYR B 6 39.82 1.28 29.19
CA TYR B 6 39.56 2.39 28.27
C TYR B 6 38.09 2.47 27.88
N ARG B 7 37.54 3.69 27.92
CA ARG B 7 36.21 3.96 27.42
C ARG B 7 36.28 5.16 26.48
N PRO B 8 35.66 5.09 25.30
CA PRO B 8 35.66 6.25 24.40
C PRO B 8 34.75 7.35 24.92
N THR B 9 35.03 8.56 24.47
CA THR B 9 34.26 9.74 24.86
C THR B 9 33.41 10.22 23.69
N LEU B 10 32.42 11.07 24.02
CA LEU B 10 31.54 11.62 22.99
C LEU B 10 32.32 12.51 22.03
N ALA B 11 33.25 13.32 22.55
CA ALA B 11 34.04 14.19 21.69
C ALA B 11 34.84 13.37 20.69
N GLN B 12 35.34 12.20 21.11
CA GLN B 12 36.05 11.33 20.18
C GLN B 12 35.10 10.74 19.14
N LEU B 13 33.89 10.34 19.55
CA LEU B 13 32.93 9.80 18.60
C LEU B 13 32.48 10.84 17.58
N ARG B 14 32.22 12.08 18.02
CA ARG B 14 31.85 13.12 17.06
C ARG B 14 32.95 13.36 16.04
N THR B 15 34.21 13.24 16.45
CA THR B 15 35.30 13.41 15.51
C THR B 15 35.28 12.30 14.47
N PHE B 16 35.14 11.06 14.92
CA PHE B 16 35.14 9.93 14.00
C PHE B 16 33.93 9.98 13.06
N VAL B 17 32.76 10.38 13.57
CA VAL B 17 31.57 10.45 12.73
C VAL B 17 31.69 11.59 11.72
N THR B 18 32.15 12.77 12.16
CA THR B 18 32.22 13.91 11.26
C THR B 18 33.25 13.68 10.16
N ILE B 19 34.36 13.02 10.50
CA ILE B 19 35.38 12.72 9.49
C ILE B 19 34.84 11.75 8.45
N ALA B 20 34.08 10.75 8.89
CA ALA B 20 33.56 9.75 7.95
C ALA B 20 32.55 10.37 6.99
N GLU B 21 31.82 11.40 7.42
CA GLU B 21 30.84 12.05 6.56
C GLU B 21 31.46 13.14 5.69
N CYS B 22 32.16 14.10 6.30
CA CYS B 22 32.84 15.14 5.55
C CYS B 22 34.13 14.59 4.94
N LYS B 23 34.28 14.74 3.63
CA LYS B 23 35.32 14.00 2.93
C LYS B 23 36.73 14.53 3.18
N HIS B 24 36.89 15.69 3.79
CA HIS B 24 38.23 16.16 4.14
C HIS B 24 38.38 16.25 5.65
N PHE B 25 39.61 16.50 6.09
CA PHE B 25 39.94 16.72 7.49
C PHE B 25 40.06 18.19 7.82
N GLY B 26 39.66 19.08 6.91
CA GLY B 26 39.72 20.51 7.11
C GLY B 26 38.33 21.08 6.87
N THR B 27 37.38 20.17 6.67
CA THR B 27 35.97 20.47 6.56
C THR B 27 35.19 19.85 7.71
N ALA B 28 35.70 18.77 8.28
CA ALA B 28 35.16 18.22 9.51
C ALA B 28 35.59 19.07 10.71
N ALA B 29 36.81 19.61 10.67
CA ALA B 29 37.30 20.43 11.77
C ALA B 29 36.60 21.79 11.81
N THR B 30 36.29 22.36 10.64
CA THR B 30 35.57 23.63 10.61
C THR B 30 34.14 23.47 11.10
N LYS B 31 33.52 22.33 10.80
CA LYS B 31 32.15 22.09 11.25
C LYS B 31 32.08 21.88 12.76
N LEU B 32 33.15 21.36 13.36
CA LEU B 32 33.20 21.16 14.81
C LEU B 32 33.76 22.38 15.54
N SER B 33 34.19 23.41 14.81
CA SER B 33 34.76 24.62 15.41
C SER B 33 35.99 24.29 16.27
N ILE B 34 36.79 23.34 15.80
CA ILE B 34 38.05 22.99 16.44
C ILE B 34 39.15 23.05 15.38
N SER B 35 40.39 22.87 15.83
CA SER B 35 41.54 22.96 14.94
C SER B 35 41.79 21.61 14.26
N GLN B 36 42.59 21.66 13.20
CA GLN B 36 42.98 20.47 12.46
C GLN B 36 43.87 19.55 13.29
N PRO B 37 44.82 20.07 14.09
CA PRO B 37 45.58 19.16 14.98
C PRO B 37 44.71 18.55 16.06
N SER B 38 43.79 19.33 16.64
CA SER B 38 42.91 18.78 17.67
C SER B 38 42.05 17.65 17.13
N LEU B 39 41.55 17.82 15.90
CA LEU B 39 40.76 16.77 15.26
C LEU B 39 41.58 15.49 15.11
N SER B 40 42.82 15.62 14.63
CA SER B 40 43.66 14.46 14.39
C SER B 40 44.08 13.79 15.69
N GLN B 41 44.14 14.53 16.79
CA GLN B 41 44.55 13.95 18.05
C GLN B 41 43.43 13.13 18.69
N ALA B 42 42.19 13.64 18.62
CA ALA B 42 41.05 12.87 19.13
C ALA B 42 40.84 11.59 18.34
N LEU B 43 41.09 11.63 17.03
CA LEU B 43 40.96 10.43 16.22
C LEU B 43 42.04 9.41 16.55
N VAL B 44 43.29 9.87 16.68
CA VAL B 44 44.38 8.94 16.99
C VAL B 44 44.23 8.39 18.40
N ALA B 45 43.70 9.19 19.33
CA ALA B 45 43.43 8.68 20.67
C ALA B 45 42.34 7.61 20.64
N LEU B 46 41.32 7.80 19.82
CA LEU B 46 40.27 6.80 19.67
C LEU B 46 40.81 5.54 19.01
N GLU B 47 41.73 5.69 18.05
CA GLU B 47 42.32 4.52 17.39
CA GLU B 47 42.31 4.52 17.39
C GLU B 47 43.23 3.76 18.34
N THR B 48 44.02 4.46 19.14
CA THR B 48 44.93 3.80 20.07
C THR B 48 44.17 3.14 21.22
N GLY B 49 43.14 3.81 21.74
CA GLY B 49 42.36 3.24 22.83
C GLY B 49 41.66 1.95 22.44
N LEU B 50 41.24 1.83 21.19
CA LEU B 50 40.60 0.62 20.70
C LEU B 50 41.57 -0.34 20.00
N GLY B 51 42.72 0.15 19.57
CA GLY B 51 43.69 -0.70 18.91
C GLY B 51 43.29 -1.17 17.53
N VAL B 52 42.57 -0.33 16.78
CA VAL B 52 42.12 -0.67 15.43
C VAL B 52 42.19 0.57 14.56
N GLN B 53 42.44 0.35 13.27
CA GLN B 53 42.57 1.44 12.30
C GLN B 53 41.19 1.77 11.74
N LEU B 54 40.70 2.98 12.05
CA LEU B 54 39.40 3.43 11.60
C LEU B 54 39.47 4.32 10.36
N ILE B 55 40.54 5.09 10.20
CA ILE B 55 40.66 6.05 9.11
C ILE B 55 41.98 5.81 8.39
N GLU B 56 41.93 5.76 7.07
CA GLU B 56 43.13 5.60 6.26
C GLU B 56 43.62 6.94 5.73
N ARG B 60 46.34 12.20 -0.53
CA ARG B 60 45.94 13.33 0.29
C ARG B 60 44.41 13.39 0.43
N LYS B 61 43.79 12.21 0.53
CA LYS B 61 42.36 12.10 0.70
C LYS B 61 42.06 10.92 1.62
N VAL B 62 41.10 11.12 2.52
CA VAL B 62 40.81 10.16 3.59
C VAL B 62 39.70 9.21 3.15
N ILE B 63 39.90 7.93 3.43
CA ILE B 63 38.90 6.89 3.21
C ILE B 63 38.67 6.17 4.53
N VAL B 64 37.43 5.72 4.74
CA VAL B 64 37.10 4.97 5.94
C VAL B 64 37.50 3.52 5.75
N THR B 65 38.19 2.96 6.75
CA THR B 65 38.69 1.59 6.65
C THR B 65 37.53 0.60 6.72
N PRO B 66 37.75 -0.64 6.27
CA PRO B 66 36.72 -1.67 6.43
C PRO B 66 36.21 -1.81 7.86
N ALA B 67 37.12 -1.82 8.83
CA ALA B 67 36.70 -1.88 10.23
C ALA B 67 35.96 -0.62 10.65
N GLY B 68 36.30 0.53 10.07
CA GLY B 68 35.61 1.76 10.40
C GLY B 68 34.17 1.78 9.93
N GLU B 69 33.91 1.20 8.76
CA GLU B 69 32.55 1.17 8.22
C GLU B 69 31.62 0.37 9.11
N LYS B 70 32.10 -0.73 9.69
CA LYS B 70 31.25 -1.54 10.55
C LYS B 70 30.93 -0.83 11.85
N LEU B 71 31.85 0.02 12.34
CA LEU B 71 31.67 0.71 13.61
C LEU B 71 30.93 2.03 13.48
N LEU B 72 30.94 2.65 12.30
CA LEU B 72 30.33 3.96 12.12
C LEU B 72 28.86 4.01 12.52
N PRO B 73 28.00 3.06 12.16
CA PRO B 73 26.60 3.14 12.62
C PRO B 73 26.44 3.10 14.13
N PHE B 74 27.28 2.32 14.82
CA PHE B 74 27.19 2.25 16.28
C PHE B 74 27.61 3.56 16.93
N ALA B 75 28.55 4.29 16.31
CA ALA B 75 28.95 5.58 16.87
C ALA B 75 27.86 6.62 16.67
N LYS B 76 27.14 6.56 15.55
CA LYS B 76 26.06 7.52 15.30
C LYS B 76 24.86 7.25 16.19
N SER B 77 24.54 5.97 16.43
CA SER B 77 23.45 5.64 17.33
C SER B 77 23.79 6.02 18.78
N THR B 78 25.07 6.00 19.13
CA THR B 78 25.47 6.47 20.45
C THR B 78 25.24 7.98 20.58
N LEU B 79 25.56 8.73 19.53
CA LEU B 79 25.34 10.18 19.56
C LEU B 79 23.85 10.50 19.55
N ASP B 80 23.06 9.75 18.78
CA ASP B 80 21.62 9.96 18.75
C ASP B 80 20.99 9.68 20.11
N ALA B 81 21.53 8.69 20.83
CA ALA B 81 21.03 8.40 22.18
C ALA B 81 21.41 9.53 23.15
N ALA B 82 22.61 10.07 23.02
CA ALA B 82 23.02 11.16 23.89
C ALA B 82 22.25 12.44 23.57
N GLU B 83 22.02 12.71 22.29
CA GLU B 83 21.20 13.86 21.91
C GLU B 83 19.76 13.69 22.38
N SER B 84 19.30 12.44 22.47
CA SER B 84 17.96 12.17 22.98
C SER B 84 17.86 12.42 24.47
N PHE B 85 18.96 12.21 25.20
CA PHE B 85 18.97 12.49 26.63
C PHE B 85 18.88 13.99 26.91
N LEU B 86 19.62 14.79 26.15
CA LEU B 86 19.58 16.24 26.34
C LEU B 86 18.22 16.81 25.95
N SER B 87 17.54 16.19 24.98
CA SER B 87 16.22 16.68 24.57
C SER B 87 15.20 16.50 25.68
N HIS B 88 15.20 15.33 26.33
CA HIS B 88 14.24 15.10 27.41
C HIS B 88 14.62 15.81 28.70
N ALA B 89 15.93 16.03 28.92
CA ALA B 89 16.39 16.76 30.09
C ALA B 89 16.02 18.25 30.04
N LYS B 90 15.88 18.80 28.84
CA LYS B 90 15.60 20.22 28.60
C LYS B 90 14.64 20.90 29.57
N GLY B 91 13.74 20.16 30.21
CA GLY B 91 12.83 20.79 31.15
C GLY B 91 12.13 19.82 32.09
N ALA B 92 12.50 18.55 32.03
CA ALA B 92 11.84 17.52 32.84
C ALA B 92 12.08 17.77 34.33
N SER B 95 6.04 18.41 32.70
CA SER B 95 5.04 18.17 31.66
C SER B 95 5.44 18.83 30.34
N LEU B 96 5.25 18.08 29.26
CA LEU B 96 5.51 18.53 27.90
C LEU B 96 6.94 19.04 27.73
N THR B 97 7.89 18.10 27.66
CA THR B 97 9.28 18.40 27.36
C THR B 97 9.80 17.30 26.44
N GLY B 98 10.85 17.62 25.69
CA GLY B 98 11.46 16.64 24.81
C GLY B 98 10.59 16.31 23.62
N PRO B 99 10.98 15.27 22.88
CA PRO B 99 10.23 14.88 21.69
C PRO B 99 8.85 14.32 22.05
N LEU B 100 7.91 14.54 21.14
CA LEU B 100 6.56 13.97 21.26
C LEU B 100 6.03 13.76 19.86
N THR B 101 5.95 12.49 19.43
CA THR B 101 5.49 12.15 18.09
C THR B 101 3.98 11.96 18.13
N VAL B 102 3.24 12.84 17.46
CA VAL B 102 1.79 12.82 17.46
C VAL B 102 1.30 12.51 16.05
N GLY B 103 0.34 11.60 15.94
CA GLY B 103 -0.25 11.23 14.67
C GLY B 103 -1.61 11.89 14.51
N ILE B 104 -1.84 12.44 13.31
CA ILE B 104 -3.07 13.16 13.00
C ILE B 104 -3.62 12.64 11.68
N ILE B 105 -4.94 12.46 11.63
CA ILE B 105 -5.64 12.01 10.42
C ILE B 105 -5.55 13.12 9.36
N PRO B 106 -5.58 12.79 8.08
CA PRO B 106 -5.35 13.81 7.05
C PRO B 106 -6.49 14.83 6.93
N THR B 107 -7.71 14.49 7.34
CA THR B 107 -8.82 15.44 7.27
C THR B 107 -8.82 16.42 8.43
N ALA B 108 -7.83 16.38 9.31
CA ALA B 108 -7.70 17.32 10.41
C ALA B 108 -6.33 17.95 10.55
N ALA B 109 -5.27 17.33 9.99
CA ALA B 109 -3.92 17.84 10.20
C ALA B 109 -3.72 19.26 9.69
N PRO B 110 -3.93 19.57 8.40
CA PRO B 110 -3.57 20.91 7.91
C PRO B 110 -4.43 22.03 8.47
N TYR B 111 -5.54 21.71 9.14
CA TYR B 111 -6.42 22.71 9.70
C TYR B 111 -6.23 22.92 11.19
N ILE B 112 -5.57 21.98 11.88
CA ILE B 112 -5.27 22.11 13.29
C ILE B 112 -3.81 22.46 13.54
N LEU B 113 -2.92 22.18 12.57
CA LEU B 113 -1.49 22.41 12.79
C LEU B 113 -1.13 23.88 12.96
N PRO B 114 -1.61 24.82 12.13
CA PRO B 114 -1.16 26.22 12.28
C PRO B 114 -1.34 26.79 13.68
N SER B 115 -2.52 26.61 14.27
CA SER B 115 -2.74 27.10 15.63
C SER B 115 -2.03 26.25 16.68
N MET B 116 -1.93 24.94 16.45
CA MET B 116 -1.29 24.07 17.43
C MET B 116 0.22 24.29 17.45
N LEU B 117 0.84 24.42 16.29
CA LEU B 117 2.29 24.66 16.25
C LEU B 117 2.65 26.04 16.76
N SER B 118 1.76 27.02 16.59
CA SER B 118 2.04 28.35 17.12
C SER B 118 1.94 28.38 18.64
N ILE B 119 1.04 27.58 19.22
CA ILE B 119 0.89 27.55 20.66
C ILE B 119 2.09 26.88 21.32
N VAL B 120 2.56 25.76 20.75
CA VAL B 120 3.67 25.04 21.36
C VAL B 120 4.98 25.81 21.20
N ASP B 121 5.10 26.64 20.17
CA ASP B 121 6.32 27.40 19.98
C ASP B 121 6.45 28.51 21.01
N GLU B 122 5.32 29.14 21.36
CA GLU B 122 5.34 30.29 22.27
C GLU B 122 5.23 29.89 23.74
N GLU B 123 4.51 28.81 24.05
CA GLU B 123 4.22 28.46 25.42
C GLU B 123 4.90 27.18 25.90
N TYR B 124 5.44 26.37 24.99
CA TYR B 124 6.13 25.14 25.36
C TYR B 124 7.40 25.01 24.52
N PRO B 125 8.40 25.85 24.79
CA PRO B 125 9.59 25.86 23.92
C PRO B 125 10.44 24.61 24.05
N ASP B 126 10.40 23.93 25.19
CA ASP B 126 11.17 22.70 25.35
C ASP B 126 10.54 21.52 24.61
N LEU B 127 9.26 21.62 24.26
CA LEU B 127 8.60 20.54 23.54
C LEU B 127 9.10 20.45 22.10
N GLU B 128 9.25 19.23 21.61
CA GLU B 128 9.79 18.98 20.26
C GLU B 128 8.80 18.13 19.48
N PRO B 129 7.83 18.76 18.81
CA PRO B 129 6.78 17.99 18.14
C PRO B 129 7.23 17.50 16.77
N HIS B 130 6.90 16.23 16.51
N HIS B 130 6.90 16.24 16.45
CA HIS B 130 7.04 15.61 15.20
CA HIS B 130 7.40 15.62 15.24
C HIS B 130 5.66 15.14 14.77
C HIS B 130 6.36 15.44 14.15
N ILE B 131 5.18 15.64 13.65
N ILE B 131 5.12 15.06 14.49
CA ILE B 131 3.84 15.34 13.17
CA ILE B 131 3.98 15.06 13.59
C ILE B 131 3.90 14.16 12.23
C ILE B 131 4.07 13.95 12.54
N VAL B 132 2.98 13.22 12.38
CA VAL B 132 2.85 12.08 11.45
C VAL B 132 1.43 12.10 10.91
N GLU B 133 1.28 12.39 9.63
CA GLU B 133 -0.03 12.45 8.98
C GLU B 133 -0.23 11.19 8.15
N ASP B 134 -1.21 10.37 8.53
CA ASP B 134 -1.58 9.19 7.78
C ASP B 134 -2.98 8.78 8.19
N GLN B 135 -3.51 7.74 7.53
CA GLN B 135 -4.86 7.29 7.80
C GLN B 135 -4.98 6.66 9.18
N THR B 136 -6.22 6.52 9.64
CA THR B 136 -6.47 6.09 11.01
C THR B 136 -5.91 4.70 11.28
N LYS B 137 -6.09 3.77 10.34
CA LYS B 137 -5.66 2.39 10.55
C LYS B 137 -4.14 2.30 10.64
N HIS B 138 -3.43 3.06 9.80
CA HIS B 138 -1.97 3.08 9.87
C HIS B 138 -1.50 3.78 11.13
N LEU B 139 -2.26 4.77 11.63
CA LEU B 139 -1.90 5.44 12.86
C LEU B 139 -1.97 4.49 14.05
N LEU B 140 -3.05 3.71 14.15
CA LEU B 140 -3.16 2.74 15.23
C LEU B 140 -2.08 1.68 15.15
N ALA B 141 -1.67 1.32 13.93
CA ALA B 141 -0.54 0.40 13.79
C ALA B 141 0.74 1.02 14.36
N LEU B 142 1.05 2.26 13.97
CA LEU B 142 2.22 2.93 14.51
C LEU B 142 2.11 3.18 16.01
N LEU B 143 0.89 3.20 16.55
CA LEU B 143 0.72 3.43 17.98
C LEU B 143 1.01 2.15 18.78
N ARG B 144 0.58 1.00 18.26
CA ARG B 144 0.91 -0.27 18.92
C ARG B 144 2.41 -0.55 18.87
N ASP B 145 3.05 -0.33 17.72
N ASP B 145 3.05 -0.33 17.72
CA ASP B 145 4.47 -0.60 17.56
CA ASP B 145 4.47 -0.60 17.56
C ASP B 145 5.35 0.48 18.18
C ASP B 145 5.36 0.46 18.19
N GLY B 146 4.78 1.43 18.91
CA GLY B 146 5.58 2.44 19.56
C GLY B 146 6.17 3.50 18.66
N ALA B 147 5.82 3.50 17.37
CA ALA B 147 6.42 4.46 16.45
C ALA B 147 5.93 5.88 16.68
N ILE B 148 4.74 6.04 17.26
CA ILE B 148 4.22 7.34 17.66
C ILE B 148 3.73 7.25 19.10
N ASP B 149 3.73 8.40 19.78
CA ASP B 149 3.36 8.43 21.19
C ASP B 149 1.87 8.65 21.41
N VAL B 150 1.22 9.42 20.54
CA VAL B 150 -0.20 9.72 20.68
C VAL B 150 -0.77 9.96 19.29
N ALA B 151 -2.08 9.75 19.15
CA ALA B 151 -2.75 9.85 17.87
C ALA B 151 -4.04 10.65 18.02
N MET B 152 -4.27 11.58 17.10
CA MET B 152 -5.52 12.34 17.03
C MET B 152 -6.38 11.76 15.92
N MET B 153 -7.55 11.27 16.28
CA MET B 153 -8.41 10.58 15.31
C MET B 153 -9.85 10.65 15.82
N ALA B 154 -10.76 10.09 15.03
CA ALA B 154 -12.18 10.10 15.34
C ALA B 154 -12.54 8.94 16.25
N LEU B 155 -13.37 9.22 17.28
CA LEU B 155 -13.91 8.29 18.25
C LEU B 155 -15.27 7.76 17.79
N PRO B 156 -15.65 6.54 18.20
CA PRO B 156 -14.87 5.65 19.08
C PRO B 156 -13.80 4.83 18.36
N SER B 157 -12.69 4.59 19.05
CA SER B 157 -11.62 3.73 18.54
C SER B 157 -11.92 2.30 18.97
N GLU B 158 -12.07 1.42 17.99
CA GLU B 158 -12.37 0.01 18.27
C GLU B 158 -11.20 -0.75 18.90
N ALA B 159 -10.10 -0.11 19.29
CA ALA B 159 -9.00 -0.88 19.85
C ALA B 159 -9.14 -1.00 21.37
N PRO B 160 -8.93 -2.20 21.91
CA PRO B 160 -9.07 -2.38 23.36
C PRO B 160 -7.86 -1.91 24.15
N GLY B 161 -6.67 -2.09 23.58
CA GLY B 161 -5.43 -1.76 24.27
C GLY B 161 -5.13 -0.27 24.34
N MET B 162 -6.05 0.55 23.85
CA MET B 162 -5.90 2.00 23.87
C MET B 162 -6.93 2.63 24.79
N LYS B 163 -6.60 3.84 25.25
CA LYS B 163 -7.51 4.67 26.02
C LYS B 163 -7.70 6.00 25.29
N GLU B 164 -8.93 6.51 25.32
CA GLU B 164 -9.30 7.68 24.54
C GLU B 164 -9.55 8.88 25.43
N ILE B 165 -9.12 10.05 24.96
CA ILE B 165 -9.41 11.32 25.61
C ILE B 165 -10.26 12.16 24.65
N PRO B 166 -11.55 12.33 24.91
CA PRO B 166 -12.40 13.10 24.00
C PRO B 166 -11.99 14.56 23.98
N LEU B 167 -11.79 15.09 22.77
CA LEU B 167 -11.33 16.47 22.60
C LEU B 167 -12.49 17.42 22.26
N TYR B 168 -13.14 17.23 21.13
CA TYR B 168 -14.19 18.13 20.70
C TYR B 168 -15.07 17.44 19.67
N ASP B 169 -16.22 18.04 19.40
CA ASP B 169 -17.14 17.61 18.35
C ASP B 169 -17.13 18.67 17.26
N GLU B 170 -16.78 18.27 16.04
CA GLU B 170 -16.58 19.19 14.93
C GLU B 170 -17.72 19.03 13.92
N ASP B 171 -18.48 20.09 13.71
CA ASP B 171 -19.61 20.03 12.79
C ASP B 171 -19.13 20.02 11.34
N PHE B 172 -19.96 19.47 10.47
CA PHE B 172 -19.74 19.49 9.03
C PHE B 172 -20.64 20.53 8.37
N ILE B 173 -20.23 20.95 7.17
CA ILE B 173 -21.00 21.86 6.35
C ILE B 173 -21.03 21.31 4.93
N VAL B 174 -22.14 21.55 4.24
CA VAL B 174 -22.34 21.03 2.89
C VAL B 174 -21.77 22.03 1.89
N VAL B 175 -20.96 21.54 0.97
CA VAL B 175 -20.34 22.36 -0.07
C VAL B 175 -20.83 21.88 -1.42
N THR B 176 -21.52 22.77 -2.15
CA THR B 176 -22.03 22.50 -3.47
C THR B 176 -21.45 23.53 -4.45
N ALA B 177 -21.81 23.39 -5.72
CA ALA B 177 -21.46 24.41 -6.69
C ALA B 177 -22.32 25.66 -6.45
N SER B 178 -21.87 26.77 -7.04
N SER B 178 -21.87 26.77 -7.04
CA SER B 178 -22.58 28.03 -6.86
CA SER B 178 -22.58 28.03 -6.86
C SER B 178 -23.96 27.98 -7.52
C SER B 178 -23.96 27.98 -7.52
N ASP B 179 -24.08 27.30 -8.66
CA ASP B 179 -25.35 27.21 -9.38
C ASP B 179 -26.25 26.11 -8.85
N HIS B 180 -25.81 25.34 -7.85
CA HIS B 180 -26.63 24.24 -7.36
C HIS B 180 -27.87 24.78 -6.65
N PRO B 181 -29.01 24.10 -6.75
CA PRO B 181 -30.23 24.60 -6.08
C PRO B 181 -30.09 24.72 -4.57
N PHE B 182 -29.41 23.78 -3.92
CA PHE B 182 -29.29 23.80 -2.47
C PHE B 182 -28.32 24.85 -1.96
N ALA B 183 -27.59 25.52 -2.85
CA ALA B 183 -26.61 26.53 -2.46
C ALA B 183 -27.23 27.60 -1.56
N GLY B 184 -26.63 27.78 -0.38
CA GLY B 184 -27.05 28.81 0.55
C GLY B 184 -28.15 28.42 1.52
N ARG B 185 -28.81 27.28 1.31
CA ARG B 185 -29.88 26.87 2.20
CA ARG B 185 -29.89 26.88 2.19
C ARG B 185 -29.34 26.50 3.58
N GLN B 186 -30.04 26.92 4.62
CA GLN B 186 -29.66 26.64 6.00
C GLN B 186 -30.70 25.80 6.72
N ASP B 187 -31.55 25.08 5.97
CA ASP B 187 -32.66 24.34 6.55
C ASP B 187 -32.76 22.92 5.98
N LEU B 188 -31.68 22.38 5.44
CA LEU B 188 -31.73 21.08 4.78
C LEU B 188 -32.07 19.96 5.76
N GLU B 189 -32.79 18.97 5.27
CA GLU B 189 -33.05 17.73 5.98
C GLU B 189 -32.18 16.61 5.43
N LEU B 190 -32.14 15.49 6.17
CA LEU B 190 -31.34 14.36 5.72
C LEU B 190 -31.87 13.78 4.42
N SER B 191 -33.16 13.96 4.13
CA SER B 191 -33.71 13.53 2.85
C SER B 191 -33.05 14.22 1.66
N ALA B 192 -32.46 15.41 1.88
CA ALA B 192 -31.81 16.13 0.79
C ALA B 192 -30.53 15.43 0.30
N LEU B 193 -29.97 14.52 1.10
CA LEU B 193 -28.78 13.79 0.64
C LEU B 193 -29.09 12.91 -0.55
N GLU B 194 -30.33 12.47 -0.70
CA GLU B 194 -30.72 11.67 -1.86
C GLU B 194 -30.51 12.44 -3.15
N ASP B 195 -30.87 13.72 -3.17
CA ASP B 195 -30.76 14.51 -4.39
C ASP B 195 -29.31 14.80 -4.75
N LEU B 196 -28.42 14.82 -3.76
CA LEU B 196 -27.02 15.11 -4.00
C LEU B 196 -26.28 13.86 -4.49
N ASP B 197 -25.23 14.08 -5.27
CA ASP B 197 -24.31 13.02 -5.69
C ASP B 197 -23.04 13.23 -4.87
N LEU B 198 -23.02 12.66 -3.67
CA LEU B 198 -21.99 12.97 -2.70
C LEU B 198 -20.66 12.31 -3.08
N LEU B 199 -19.58 13.08 -2.95
CA LEU B 199 -18.22 12.56 -3.02
C LEU B 199 -17.67 12.65 -1.60
N LEU B 200 -17.49 11.50 -0.95
CA LEU B 200 -17.12 11.50 0.46
C LEU B 200 -15.71 10.96 0.68
N LEU B 201 -14.97 11.64 1.54
CA LEU B 201 -13.72 11.19 2.12
C LEU B 201 -13.99 10.44 3.42
N ASP B 202 -13.02 9.63 3.83
CA ASP B 202 -13.20 8.91 5.09
C ASP B 202 -13.10 9.93 6.23
N ASP B 203 -14.12 10.79 6.37
CA ASP B 203 -14.01 11.96 7.23
C ASP B 203 -14.20 11.64 8.70
N GLY B 204 -14.87 10.54 9.04
CA GLY B 204 -15.19 10.27 10.42
C GLY B 204 -16.59 10.71 10.80
N HIS B 205 -17.36 11.22 9.84
CA HIS B 205 -18.66 11.82 10.07
C HIS B 205 -19.73 10.74 10.33
N SER B 206 -20.78 11.16 11.03
CA SER B 206 -21.92 10.30 11.33
C SER B 206 -23.18 11.18 11.26
N LEU B 207 -23.89 11.09 10.14
CA LEU B 207 -25.11 11.87 9.98
C LEU B 207 -26.23 11.29 10.83
N HIS B 208 -27.01 12.17 11.47
CA HIS B 208 -28.13 11.69 12.29
C HIS B 208 -29.10 12.80 12.65
N ASP B 209 -30.36 12.64 12.29
CA ASP B 209 -31.41 13.60 12.60
C ASP B 209 -32.08 13.24 13.92
N GLN B 210 -32.55 14.25 14.64
CA GLN B 210 -33.30 14.00 15.87
C GLN B 210 -34.67 13.43 15.60
N ILE B 211 -35.13 13.47 14.36
CA ILE B 211 -36.39 12.88 13.92
C ILE B 211 -36.03 11.92 12.81
N VAL B 212 -36.10 10.62 13.10
CA VAL B 212 -35.71 9.60 12.13
C VAL B 212 -36.75 9.54 11.02
N ASP B 213 -36.39 9.97 9.83
CA ASP B 213 -37.27 9.83 8.68
C ASP B 213 -37.39 8.35 8.33
N LEU B 214 -38.61 7.88 8.15
CA LEU B 214 -38.87 6.46 7.91
C LEU B 214 -38.54 5.98 6.50
N ARG B 216 -35.94 6.98 4.30
CA ARG B 216 -34.51 6.81 4.04
C ARG B 216 -33.88 5.74 4.93
N ARG B 217 -34.61 5.31 5.95
CA ARG B 217 -34.11 4.27 6.85
C ARG B 217 -34.02 2.92 6.15
N GLY B 218 -32.88 2.65 5.52
CA GLY B 218 -32.64 1.37 4.88
C GLY B 218 -32.43 1.45 3.38
N ASP B 219 -33.26 2.23 2.69
CA ASP B 219 -33.23 2.30 1.24
C ASP B 219 -31.94 2.97 0.78
N ILE B 220 -31.08 2.19 0.11
CA ILE B 220 -29.83 2.69 -0.44
C ILE B 220 -29.85 2.51 -1.95
N ASN B 221 -28.98 3.28 -2.63
CA ASN B 221 -28.89 3.21 -4.08
C ASN B 221 -27.64 2.45 -4.47
N PRO B 222 -27.76 1.30 -5.14
CA PRO B 222 -26.57 0.55 -5.53
C PRO B 222 -25.84 1.23 -6.70
N ILE B 223 -24.53 1.37 -6.56
CA ILE B 223 -23.72 1.89 -7.64
C ILE B 223 -23.53 0.81 -8.69
N SER B 224 -23.33 1.22 -9.94
CA SER B 224 -23.25 0.28 -11.06
C SER B 224 -22.32 0.84 -12.12
N SER B 225 -21.23 0.13 -12.38
CA SER B 225 -20.27 0.52 -13.41
C SER B 225 -19.27 -0.61 -13.60
N THR B 226 -18.79 -0.77 -14.83
CA THR B 226 -17.72 -1.73 -15.10
C THR B 226 -16.38 -1.19 -14.61
N THR B 227 -16.15 0.12 -14.79
CA THR B 227 -14.96 0.78 -14.28
C THR B 227 -15.26 1.36 -12.90
N ALA B 228 -14.26 2.03 -12.33
CA ALA B 228 -14.42 2.64 -11.02
C ALA B 228 -15.15 3.97 -11.12
N VAL B 229 -15.84 4.33 -10.04
CA VAL B 229 -16.59 5.58 -9.99
C VAL B 229 -15.65 6.68 -9.52
N THR B 230 -16.06 7.93 -9.73
CA THR B 230 -15.24 9.06 -9.34
C THR B 230 -15.01 9.06 -7.83
N ARG B 231 -13.75 9.23 -7.44
CA ARG B 231 -13.34 9.12 -6.04
C ARG B 231 -12.04 9.87 -5.85
N ALA B 232 -11.99 10.76 -4.87
CA ALA B 232 -10.78 11.52 -4.57
C ALA B 232 -10.28 11.16 -3.18
N SER B 233 -8.99 11.44 -2.94
CA SER B 233 -8.35 11.11 -1.68
C SER B 233 -8.04 12.33 -0.81
N SER B 234 -8.24 13.55 -1.32
CA SER B 234 -7.94 14.76 -0.58
C SER B 234 -9.08 15.76 -0.76
N LEU B 235 -9.22 16.65 0.22
CA LEU B 235 -10.27 17.66 0.14
C LEU B 235 -10.03 18.62 -1.01
N THR B 236 -8.77 18.99 -1.26
CA THR B 236 -8.48 19.93 -2.33
C THR B 236 -8.86 19.37 -3.70
N THR B 237 -8.76 18.05 -3.88
CA THR B 237 -9.21 17.44 -5.13
C THR B 237 -10.72 17.35 -5.20
N VAL B 238 -11.37 17.01 -4.08
CA VAL B 238 -12.83 16.97 -4.05
C VAL B 238 -13.41 18.33 -4.40
N MET B 239 -12.78 19.41 -3.91
CA MET B 239 -13.29 20.74 -4.17
C MET B 239 -13.29 21.06 -5.66
N GLN B 240 -12.22 20.66 -6.36
CA GLN B 240 -12.16 20.91 -7.80
C GLN B 240 -13.25 20.16 -8.55
N LEU B 241 -13.66 18.99 -8.03
CA LEU B 241 -14.77 18.28 -8.63
C LEU B 241 -16.10 18.98 -8.35
N VAL B 242 -16.23 19.60 -7.18
CA VAL B 242 -17.48 20.27 -6.83
C VAL B 242 -17.69 21.53 -7.64
N VAL B 243 -16.61 22.30 -7.90
CA VAL B 243 -16.75 23.50 -8.72
C VAL B 243 -17.19 23.14 -10.14
N ALA B 244 -16.67 22.02 -10.67
CA ALA B 244 -17.03 21.59 -12.02
C ALA B 244 -18.40 20.92 -12.09
N GLY B 245 -19.10 20.81 -10.97
CA GLY B 245 -20.44 20.25 -10.98
C GLY B 245 -20.54 18.75 -11.10
N LEU B 246 -19.56 18.01 -10.58
CA LEU B 246 -19.60 16.55 -10.57
C LEU B 246 -20.06 15.99 -9.23
N GLY B 247 -20.73 16.80 -8.42
CA GLY B 247 -21.28 16.36 -7.15
C GLY B 247 -20.97 17.33 -6.04
N SER B 248 -21.49 17.00 -4.86
CA SER B 248 -21.33 17.78 -3.65
C SER B 248 -20.54 16.97 -2.62
N THR B 249 -20.28 17.58 -1.46
CA THR B 249 -19.49 16.93 -0.43
C THR B 249 -19.77 17.58 0.92
N LEU B 250 -19.32 16.90 1.97
CA LEU B 250 -19.36 17.40 3.33
C LEU B 250 -17.94 17.64 3.81
N VAL B 251 -17.71 18.80 4.44
CA VAL B 251 -16.38 19.11 4.95
C VAL B 251 -16.48 19.59 6.39
N PRO B 252 -15.45 19.40 7.21
CA PRO B 252 -15.48 19.95 8.57
C PRO B 252 -15.29 21.46 8.56
N ILE B 253 -15.86 22.11 9.59
CA ILE B 253 -15.89 23.57 9.62
C ILE B 253 -14.48 24.15 9.63
N SER B 254 -13.52 23.45 10.23
CA SER B 254 -12.16 23.97 10.29
C SER B 254 -11.49 24.04 8.91
N ALA B 255 -12.02 23.32 7.92
CA ALA B 255 -11.47 23.34 6.57
C ALA B 255 -12.01 24.49 5.74
N ILE B 256 -12.95 25.29 6.27
CA ILE B 256 -13.59 26.34 5.47
C ILE B 256 -12.59 27.39 4.98
N PRO B 257 -11.76 28.02 5.84
CA PRO B 257 -10.87 29.07 5.34
C PRO B 257 -9.82 28.56 4.36
N TRP B 258 -9.53 27.27 4.33
CA TRP B 258 -8.48 26.72 3.49
C TRP B 258 -8.99 26.06 2.23
N GLU B 259 -10.25 25.65 2.19
CA GLU B 259 -10.80 24.90 1.05
C GLU B 259 -12.08 25.48 0.47
N CYS B 260 -12.81 26.32 1.20
CA CYS B 260 -14.15 26.74 0.79
C CYS B 260 -14.22 28.21 0.41
N THR B 261 -13.08 28.83 0.13
CA THR B 261 -13.04 30.25 -0.23
C THR B 261 -12.64 30.49 -1.67
N ARG B 262 -12.45 29.44 -2.46
CA ARG B 262 -12.15 29.60 -3.88
C ARG B 262 -13.43 29.92 -4.65
N PRO B 263 -13.29 30.57 -5.81
CA PRO B 263 -14.49 30.91 -6.60
C PRO B 263 -15.17 29.67 -7.13
N GLY B 264 -16.50 29.73 -7.20
CA GLY B 264 -17.30 28.65 -7.75
C GLY B 264 -17.94 27.74 -6.71
N LEU B 265 -17.72 28.00 -5.43
CA LEU B 265 -18.26 27.17 -4.36
C LEU B 265 -19.37 27.91 -3.63
N ALA B 266 -20.14 27.15 -2.85
CA ALA B 266 -21.20 27.69 -2.02
C ALA B 266 -21.46 26.72 -0.88
N THR B 267 -21.87 27.26 0.27
CA THR B 267 -22.05 26.46 1.47
C THR B 267 -23.52 26.32 1.79
N ALA B 268 -23.82 25.29 2.58
CA ALA B 268 -25.18 25.01 3.02
C ALA B 268 -25.11 24.17 4.29
N ASN B 269 -26.05 24.40 5.19
CA ASN B 269 -26.11 23.69 6.46
C ASN B 269 -27.44 22.98 6.62
N PHE B 270 -27.44 21.93 7.43
CA PHE B 270 -28.67 21.26 7.79
C PHE B 270 -29.43 22.08 8.84
N ASN B 271 -30.66 21.68 9.11
CA ASN B 271 -31.45 22.36 10.12
C ASN B 271 -31.03 21.89 11.51
N SER B 272 -31.47 22.64 12.53
CA SER B 272 -30.99 22.41 13.89
C SER B 272 -31.31 21.00 14.39
N ASP B 273 -32.38 20.38 13.89
CA ASP B 273 -32.72 19.04 14.34
C ASP B 273 -31.77 17.98 13.80
N VAL B 274 -31.05 18.27 12.72
CA VAL B 274 -30.05 17.36 12.18
C VAL B 274 -28.72 17.62 12.88
N THR B 275 -28.00 16.54 13.19
CA THR B 275 -26.69 16.61 13.84
C THR B 275 -25.69 15.83 13.00
N ALA B 276 -24.91 16.55 12.20
CA ALA B 276 -23.88 15.96 11.35
C ALA B 276 -22.51 16.47 11.80
N ASN B 277 -21.79 15.64 12.55
CA ASN B 277 -20.51 16.04 13.12
C ASN B 277 -19.62 14.80 13.27
N ARG B 278 -18.41 15.03 13.78
CA ARG B 278 -17.50 13.96 14.13
C ARG B 278 -16.86 14.28 15.47
N ARG B 279 -16.58 13.23 16.25
CA ARG B 279 -15.97 13.37 17.56
C ARG B 279 -14.49 13.04 17.46
N ILE B 280 -13.64 14.04 17.65
CA ILE B 280 -12.19 13.89 17.58
C ILE B 280 -11.64 13.76 18.99
N GLY B 281 -10.67 12.85 19.16
CA GLY B 281 -10.08 12.61 20.47
C GLY B 281 -8.62 12.23 20.38
N LEU B 282 -8.01 12.14 21.56
CA LEU B 282 -6.62 11.73 21.70
C LEU B 282 -6.56 10.28 22.16
N VAL B 283 -5.79 9.46 21.44
CA VAL B 283 -5.70 8.03 21.69
C VAL B 283 -4.26 7.69 22.02
N TYR B 284 -4.07 6.98 23.13
CA TYR B 284 -2.74 6.57 23.56
C TYR B 284 -2.82 5.16 24.16
N ARG B 285 -1.64 4.58 24.40
CA ARG B 285 -1.57 3.21 24.90
C ARG B 285 -1.98 3.14 26.37
N SER B 286 -2.62 2.02 26.72
CA SER B 286 -3.02 1.81 28.11
C SER B 286 -1.81 1.63 29.01
N SER B 287 -0.76 0.98 28.51
CA SER B 287 0.47 0.77 29.27
C SER B 287 1.24 2.06 29.54
N SER B 288 0.91 3.15 28.84
CA SER B 288 1.66 4.39 29.00
C SER B 288 1.49 4.96 30.40
N SER B 289 2.57 5.53 30.93
CA SER B 289 2.54 6.16 32.24
C SER B 289 2.53 7.69 32.17
N ARG B 290 2.38 8.26 30.97
CA ARG B 290 2.34 9.71 30.82
C ARG B 290 0.92 10.22 30.60
N ALA B 291 -0.08 9.59 31.25
CA ALA B 291 -1.46 10.01 31.11
C ALA B 291 -1.62 11.48 31.48
N GLU B 292 -1.06 11.88 32.62
CA GLU B 292 -1.18 13.27 33.08
C GLU B 292 -0.51 14.25 32.13
N GLU B 293 0.43 13.80 31.31
CA GLU B 293 1.03 14.69 30.31
C GLU B 293 0.18 14.75 29.06
N PHE B 294 -0.34 13.61 28.60
CA PHE B 294 -1.22 13.59 27.44
C PHE B 294 -2.48 14.43 27.71
N GLU B 295 -2.97 14.41 28.95
CA GLU B 295 -4.11 15.24 29.31
C GLU B 295 -3.79 16.72 29.13
N GLN B 296 -2.53 17.12 29.38
CA GLN B 296 -2.13 18.49 29.18
C GLN B 296 -2.02 18.82 27.69
N PHE B 297 -1.45 17.90 26.90
CA PHE B 297 -1.38 18.11 25.46
C PHE B 297 -2.77 18.15 24.84
N ALA B 298 -3.74 17.50 25.48
CA ALA B 298 -5.13 17.56 25.01
C ALA B 298 -5.68 18.97 25.08
N LEU B 299 -5.28 19.73 26.10
CA LEU B 299 -5.74 21.12 26.22
C LEU B 299 -5.20 21.99 25.09
N ILE B 300 -3.99 21.71 24.61
CA ILE B 300 -3.46 22.46 23.48
C ILE B 300 -4.30 22.24 22.23
N LEU B 301 -4.68 20.98 21.96
CA LEU B 301 -5.50 20.70 20.79
C LEU B 301 -6.88 21.35 20.90
N GLN B 302 -7.47 21.31 22.11
CA GLN B 302 -8.75 21.98 22.31
C GLN B 302 -8.65 23.47 22.03
N ARG B 303 -7.57 24.11 22.50
CA ARG B 303 -7.36 25.53 22.20
C ARG B 303 -7.12 25.75 20.72
N ALA B 304 -6.31 24.88 20.10
CA ALA B 304 -6.04 25.02 18.67
C ALA B 304 -7.29 24.86 17.82
N PHE B 305 -8.26 24.07 18.30
CA PHE B 305 -9.50 23.89 17.55
C PHE B 305 -10.36 25.13 17.62
N GLN B 306 -10.46 25.76 18.79
CA GLN B 306 -11.26 26.96 18.93
C GLN B 306 -10.69 28.12 18.10
N GLU B 307 -9.36 28.17 17.95
CA GLU B 307 -8.78 29.14 17.03
C GLU B 307 -9.12 28.81 15.58
N ALA B 308 -9.18 27.51 15.26
CA ALA B 308 -9.55 27.12 13.90
C ALA B 308 -11.01 27.41 13.62
N VAL B 309 -11.87 27.22 14.62
CA VAL B 309 -13.29 27.58 14.46
C VAL B 309 -13.44 29.09 14.33
N ALA B 310 -12.69 29.84 15.14
CA ALA B 310 -12.74 31.30 15.05
C ALA B 310 -12.30 31.77 13.66
N LEU B 311 -11.29 31.13 13.08
CA LEU B 311 -10.87 31.49 11.73
C LEU B 311 -11.97 31.17 10.72
N ALA B 312 -12.69 30.07 10.91
CA ALA B 312 -13.81 29.74 10.04
C ALA B 312 -14.92 30.78 10.16
N ALA B 313 -15.25 31.18 11.37
CA ALA B 313 -16.28 32.20 11.57
C ALA B 313 -15.85 33.55 11.00
N SER B 314 -14.55 33.81 10.93
CA SER B 314 -14.05 35.08 10.41
C SER B 314 -14.31 35.25 8.92
N THR B 315 -14.67 34.18 8.21
CA THR B 315 -14.92 34.28 6.77
C THR B 315 -16.29 34.88 6.45
N GLY B 316 -17.20 34.92 7.43
CA GLY B 316 -18.55 35.39 7.20
C GLY B 316 -19.51 34.32 6.73
N ILE B 317 -19.03 33.11 6.45
CA ILE B 317 -19.89 32.01 6.02
C ILE B 317 -20.69 31.50 7.21
N THR B 318 -22.00 31.33 7.00
CA THR B 318 -22.88 30.87 8.08
C THR B 318 -22.52 29.45 8.49
N LEU B 319 -22.28 29.26 9.79
CA LEU B 319 -22.00 27.96 10.36
C LEU B 319 -23.26 27.33 10.94
N LYS B 320 -23.16 26.03 11.22
CA LYS B 320 -24.25 25.27 11.83
C LYS B 320 -24.66 25.85 13.19
N GLU C 5 -29.48 -21.94 -18.33
CA GLU C 5 -29.47 -21.76 -19.79
C GLU C 5 -29.84 -20.35 -20.19
N TYR C 6 -30.68 -19.69 -19.39
CA TYR C 6 -31.26 -18.42 -19.79
C TYR C 6 -30.24 -17.29 -19.70
N ARG C 7 -30.17 -16.49 -20.76
CA ARG C 7 -29.39 -15.26 -20.79
C ARG C 7 -30.30 -14.15 -21.30
N PRO C 8 -30.32 -12.99 -20.65
CA PRO C 8 -31.16 -11.89 -21.16
C PRO C 8 -30.57 -11.31 -22.43
N THR C 9 -31.46 -10.69 -23.22
CA THR C 9 -31.09 -10.07 -24.49
C THR C 9 -31.14 -8.56 -24.36
N LEU C 10 -30.49 -7.89 -25.32
CA LEU C 10 -30.49 -6.43 -25.33
C LEU C 10 -31.89 -5.88 -25.56
N ALA C 11 -32.65 -6.50 -26.46
CA ALA C 11 -34.02 -6.04 -26.73
C ALA C 11 -34.88 -6.12 -25.47
N GLN C 12 -34.67 -7.16 -24.65
CA GLN C 12 -35.41 -7.26 -23.40
C GLN C 12 -34.97 -6.18 -22.42
N LEU C 13 -33.67 -5.94 -22.31
CA LEU C 13 -33.18 -4.86 -21.45
C LEU C 13 -33.62 -3.50 -21.97
N ARG C 14 -33.58 -3.30 -23.29
CA ARG C 14 -34.01 -2.03 -23.86
C ARG C 14 -35.48 -1.77 -23.54
N THR C 15 -36.29 -2.82 -23.50
CA THR C 15 -37.70 -2.69 -23.14
C THR C 15 -37.85 -2.33 -21.67
N PHE C 16 -37.12 -3.03 -20.79
CA PHE C 16 -37.26 -2.83 -19.35
C PHE C 16 -36.83 -1.41 -18.95
N VAL C 17 -35.79 -0.88 -19.57
CA VAL C 17 -35.33 0.47 -19.23
C VAL C 17 -36.34 1.51 -19.69
N THR C 18 -36.85 1.38 -20.91
CA THR C 18 -37.76 2.39 -21.45
C THR C 18 -39.07 2.43 -20.66
N ILE C 19 -39.56 1.27 -20.22
CA ILE C 19 -40.78 1.23 -19.43
C ILE C 19 -40.59 1.94 -18.10
N ALA C 20 -39.45 1.70 -17.44
CA ALA C 20 -39.21 2.30 -16.13
C ALA C 20 -39.07 3.81 -16.21
N GLU C 21 -38.60 4.34 -17.33
CA GLU C 21 -38.43 5.78 -17.47
C GLU C 21 -39.71 6.49 -17.92
N LYS C 23 -42.71 5.27 -17.85
CA LYS C 23 -43.73 4.92 -16.87
C LYS C 23 -45.07 4.46 -17.44
N HIS C 24 -45.27 4.58 -18.74
CA HIS C 24 -46.47 4.02 -19.35
C HIS C 24 -46.06 2.93 -20.33
N PHE C 25 -47.06 2.20 -20.82
CA PHE C 25 -46.81 1.14 -21.80
C PHE C 25 -47.01 1.61 -23.24
N GLY C 26 -47.92 2.56 -23.46
CA GLY C 26 -48.19 3.09 -24.77
C GLY C 26 -47.29 4.23 -25.17
N THR C 27 -46.32 4.59 -24.33
CA THR C 27 -45.33 5.60 -24.64
C THR C 27 -43.93 5.02 -24.73
N ALA C 28 -43.67 3.91 -24.03
CA ALA C 28 -42.42 3.18 -24.22
C ALA C 28 -42.44 2.39 -25.52
N ALA C 29 -43.61 1.90 -25.92
CA ALA C 29 -43.71 1.15 -27.17
C ALA C 29 -43.58 2.05 -28.38
N THR C 30 -44.05 3.30 -28.30
CA THR C 30 -43.93 4.22 -29.42
C THR C 30 -42.48 4.70 -29.59
N LYS C 31 -41.77 4.90 -28.48
CA LYS C 31 -40.39 5.34 -28.56
C LYS C 31 -39.49 4.26 -29.14
N LEU C 32 -39.78 2.99 -28.85
CA LEU C 32 -39.02 1.88 -29.40
C LEU C 32 -39.49 1.44 -30.77
N SER C 33 -40.57 2.04 -31.29
CA SER C 33 -41.14 1.70 -32.59
C SER C 33 -41.50 0.22 -32.68
N ILE C 34 -42.13 -0.30 -31.63
CA ILE C 34 -42.65 -1.66 -31.60
C ILE C 34 -44.08 -1.62 -31.11
N SER C 35 -44.77 -2.75 -31.24
CA SER C 35 -46.17 -2.82 -30.84
C SER C 35 -46.27 -2.97 -29.33
N GLN C 36 -47.43 -2.55 -28.79
CA GLN C 36 -47.67 -2.71 -27.36
C GLN C 36 -47.68 -4.16 -26.91
N PRO C 37 -48.19 -5.13 -27.67
CA PRO C 37 -48.03 -6.52 -27.23
C PRO C 37 -46.58 -6.98 -27.25
N SER C 38 -45.80 -6.56 -28.26
CA SER C 38 -44.40 -6.95 -28.32
C SER C 38 -43.64 -6.42 -27.11
N LEU C 39 -43.94 -5.20 -26.69
CA LEU C 39 -43.30 -4.64 -25.50
C LEU C 39 -43.61 -5.48 -24.27
N SER C 40 -44.88 -5.84 -24.07
CA SER C 40 -45.28 -6.61 -22.89
C SER C 40 -44.74 -8.02 -22.94
N GLN C 41 -44.49 -8.56 -24.13
CA GLN C 41 -43.99 -9.92 -24.26
C GLN C 41 -42.52 -10.02 -23.91
N ALA C 42 -41.72 -9.02 -24.33
CA ALA C 42 -40.31 -9.01 -23.96
C ALA C 42 -40.14 -8.83 -22.46
N LEU C 43 -41.03 -8.07 -21.82
CA LEU C 43 -40.96 -7.86 -20.38
C LEU C 43 -41.28 -9.15 -19.62
N VAL C 44 -42.34 -9.86 -20.02
CA VAL C 44 -42.70 -11.08 -19.32
C VAL C 44 -41.66 -12.17 -19.57
N ALA C 45 -41.05 -12.19 -20.76
CA ALA C 45 -39.96 -13.14 -21.01
C ALA C 45 -38.76 -12.83 -20.13
N LEU C 46 -38.46 -11.54 -19.92
CA LEU C 46 -37.37 -11.17 -19.02
C LEU C 46 -37.71 -11.49 -17.58
N GLU C 47 -38.97 -11.26 -17.18
CA GLU C 47 -39.38 -11.57 -15.81
C GLU C 47 -39.36 -13.08 -15.56
N THR C 48 -39.87 -13.87 -16.51
CA THR C 48 -39.89 -15.31 -16.33
C THR C 48 -38.48 -15.90 -16.37
N GLY C 49 -37.64 -15.39 -17.28
CA GLY C 49 -36.28 -15.90 -17.37
C GLY C 49 -35.46 -15.65 -16.11
N LEU C 50 -35.73 -14.55 -15.41
CA LEU C 50 -35.03 -14.25 -14.17
C LEU C 50 -35.79 -14.69 -12.92
N GLY C 51 -37.10 -14.92 -13.03
CA GLY C 51 -37.88 -15.34 -11.89
C GLY C 51 -38.07 -14.26 -10.85
N VAL C 52 -38.20 -13.01 -11.26
CA VAL C 52 -38.40 -11.88 -10.35
C VAL C 52 -39.39 -10.91 -10.98
N GLN C 53 -40.26 -10.34 -10.16
CA GLN C 53 -41.21 -9.33 -10.61
C GLN C 53 -40.49 -8.00 -10.77
N LEU C 54 -40.46 -7.47 -12.00
CA LEU C 54 -39.76 -6.22 -12.28
C LEU C 54 -40.68 -5.02 -12.37
N ILE C 55 -41.90 -5.18 -12.88
CA ILE C 55 -42.83 -4.07 -13.08
C ILE C 55 -44.16 -4.43 -12.44
N GLU C 56 -44.72 -3.51 -11.67
CA GLU C 56 -46.04 -3.65 -11.09
C GLU C 56 -47.01 -2.81 -11.92
N ARG C 57 -47.96 -3.47 -12.58
CA ARG C 57 -48.90 -2.80 -13.47
C ARG C 57 -50.14 -2.39 -12.68
N SER C 58 -50.35 -1.10 -12.51
CA SER C 58 -51.51 -0.54 -11.83
C SER C 58 -52.43 0.11 -12.84
N THR C 59 -53.58 0.61 -12.34
CA THR C 59 -54.56 1.20 -13.23
C THR C 59 -54.23 2.65 -13.58
N ARG C 60 -53.57 3.38 -12.69
CA ARG C 60 -53.20 4.76 -12.98
C ARG C 60 -51.91 4.83 -13.80
N LYS C 61 -50.86 4.17 -13.31
CA LYS C 61 -49.59 4.11 -14.02
C LYS C 61 -48.81 2.91 -13.48
N VAL C 62 -47.83 2.46 -14.26
CA VAL C 62 -47.01 1.33 -13.85
C VAL C 62 -45.89 1.83 -12.96
N ILE C 63 -45.51 0.99 -11.99
CA ILE C 63 -44.48 1.33 -11.02
C ILE C 63 -43.39 0.26 -11.08
N VAL C 64 -42.16 0.70 -10.85
CA VAL C 64 -41.02 -0.23 -10.82
C VAL C 64 -40.95 -0.86 -9.43
N THR C 65 -40.80 -2.19 -9.41
CA THR C 65 -40.78 -2.91 -8.15
C THR C 65 -39.49 -2.61 -7.38
N PRO C 66 -39.48 -2.88 -6.07
CA PRO C 66 -38.22 -2.74 -5.31
C PRO C 66 -37.05 -3.47 -5.95
N ALA C 67 -37.26 -4.72 -6.38
CA ALA C 67 -36.20 -5.46 -7.07
C ALA C 67 -35.86 -4.83 -8.40
N GLY C 68 -36.84 -4.22 -9.08
CA GLY C 68 -36.55 -3.57 -10.35
C GLY C 68 -35.67 -2.34 -10.20
N GLU C 69 -35.85 -1.61 -9.10
CA GLU C 69 -35.05 -0.41 -8.88
C GLU C 69 -33.58 -0.75 -8.71
N LYS C 70 -33.28 -1.89 -8.09
CA LYS C 70 -31.90 -2.30 -7.90
C LYS C 70 -31.25 -2.72 -9.21
N LEU C 71 -32.02 -3.28 -10.14
CA LEU C 71 -31.47 -3.78 -11.39
C LEU C 71 -31.40 -2.73 -12.50
N LEU C 72 -32.22 -1.68 -12.42
CA LEU C 72 -32.28 -0.69 -13.49
C LEU C 72 -30.92 -0.06 -13.82
N PRO C 73 -30.09 0.36 -12.85
CA PRO C 73 -28.79 0.91 -13.23
C PRO C 73 -27.90 -0.07 -13.99
N PHE C 74 -27.96 -1.36 -13.63
CA PHE C 74 -27.17 -2.36 -14.34
C PHE C 74 -27.66 -2.57 -15.76
N ALA C 75 -28.97 -2.43 -15.98
CA ALA C 75 -29.51 -2.58 -17.34
C ALA C 75 -29.16 -1.38 -18.21
N LYS C 76 -29.13 -0.17 -17.62
CA LYS C 76 -28.80 1.02 -18.40
C LYS C 76 -27.33 1.05 -18.77
N SER C 77 -26.45 0.62 -17.88
CA SER C 77 -25.02 0.55 -18.21
C SER C 77 -24.76 -0.49 -19.28
N THR C 78 -25.58 -1.54 -19.35
CA THR C 78 -25.46 -2.50 -20.44
C THR C 78 -25.82 -1.87 -21.78
N LEU C 79 -26.89 -1.07 -21.80
CA LEU C 79 -27.29 -0.41 -23.04
C LEU C 79 -26.29 0.66 -23.46
N ASP C 80 -25.75 1.41 -22.50
CA ASP C 80 -24.74 2.41 -22.83
C ASP C 80 -23.50 1.76 -23.41
N ALA C 81 -23.14 0.57 -22.92
CA ALA C 81 -22.00 -0.15 -23.47
C ALA C 81 -22.29 -0.65 -24.89
N ALA C 82 -23.51 -1.12 -25.13
CA ALA C 82 -23.86 -1.59 -26.47
C ALA C 82 -23.97 -0.41 -27.43
N GLU C 83 -24.55 0.70 -26.98
CA GLU C 83 -24.61 1.90 -27.81
C GLU C 83 -23.22 2.47 -28.06
N SER C 84 -22.30 2.27 -27.12
CA SER C 84 -20.92 2.70 -27.35
C SER C 84 -20.23 1.84 -28.40
N PHE C 85 -20.61 0.56 -28.49
CA PHE C 85 -20.04 -0.31 -29.51
C PHE C 85 -20.50 0.09 -30.91
N LEU C 86 -21.79 0.41 -31.06
CA LEU C 86 -22.31 0.82 -32.37
C LEU C 86 -21.75 2.17 -32.81
N SER C 87 -21.46 3.06 -31.85
CA SER C 87 -20.90 4.36 -32.19
C SER C 87 -19.50 4.23 -32.79
N HIS C 88 -18.66 3.39 -32.19
CA HIS C 88 -17.31 3.21 -32.69
C HIS C 88 -17.27 2.35 -33.95
N ALA C 89 -18.25 1.46 -34.12
CA ALA C 89 -18.31 0.68 -35.36
C ALA C 89 -18.64 1.55 -36.57
N LYS C 90 -19.40 2.63 -36.37
CA LYS C 90 -19.74 3.54 -37.45
C LYS C 90 -18.64 4.55 -37.75
N GLY C 91 -17.38 4.12 -37.71
CA GLY C 91 -16.26 4.96 -38.09
C GLY C 91 -15.96 6.14 -37.17
N ALA C 92 -15.93 5.91 -35.86
CA ALA C 92 -15.66 7.01 -34.93
C ALA C 92 -14.25 7.55 -35.13
N ASN C 93 -13.27 6.65 -35.22
CA ASN C 93 -11.89 6.98 -35.58
C ASN C 93 -11.25 7.92 -34.57
N GLY C 94 -11.32 7.53 -33.30
CA GLY C 94 -10.56 8.19 -32.25
C GLY C 94 -11.15 9.49 -31.72
N SER C 95 -12.42 9.47 -31.35
CA SER C 95 -13.08 10.66 -30.80
C SER C 95 -13.50 10.40 -29.35
N LEU C 96 -13.16 11.35 -28.49
CA LEU C 96 -13.58 11.35 -27.08
C LEU C 96 -15.08 11.28 -26.88
N THR C 97 -15.67 10.08 -26.88
CA THR C 97 -17.08 9.92 -26.59
C THR C 97 -17.24 8.77 -25.59
N GLY C 98 -18.37 8.78 -24.89
CA GLY C 98 -18.66 7.78 -23.90
C GLY C 98 -17.83 7.91 -22.64
N PRO C 99 -17.91 6.92 -21.76
CA PRO C 99 -17.17 6.99 -20.50
C PRO C 99 -15.66 6.87 -20.72
N LEU C 100 -14.92 7.53 -19.83
CA LEU C 100 -13.46 7.42 -19.81
C LEU C 100 -12.99 7.62 -18.37
N THR C 101 -12.55 6.54 -17.73
CA THR C 101 -12.09 6.59 -16.35
C THR C 101 -10.59 6.87 -16.34
N VAL C 102 -10.20 7.98 -15.69
CA VAL C 102 -8.82 8.43 -15.67
C VAL C 102 -8.34 8.45 -14.23
N GLY C 103 -7.18 7.82 -13.98
CA GLY C 103 -6.54 7.86 -12.68
C GLY C 103 -5.44 8.89 -12.67
N ILE C 104 -5.41 9.71 -11.61
CA ILE C 104 -4.44 10.78 -11.48
C ILE C 104 -3.81 10.70 -10.10
N ILE C 105 -2.49 10.91 -10.04
CA ILE C 105 -1.74 10.91 -8.80
C ILE C 105 -2.14 12.12 -7.97
N PRO C 106 -2.06 12.05 -6.63
CA PRO C 106 -2.57 13.16 -5.80
C PRO C 106 -1.74 14.43 -5.89
N THR C 107 -0.45 14.34 -6.26
CA THR C 107 0.37 15.54 -6.38
C THR C 107 0.15 16.27 -7.71
N ALA C 108 -0.76 15.81 -8.54
CA ALA C 108 -1.10 16.47 -9.79
C ALA C 108 -2.59 16.67 -10.00
N ALA C 109 -3.45 15.88 -9.33
CA ALA C 109 -4.89 15.97 -9.57
C ALA C 109 -5.49 17.34 -9.28
N PRO C 110 -5.39 17.89 -8.06
CA PRO C 110 -6.12 19.13 -7.78
C PRO C 110 -5.58 20.34 -8.52
N TYR C 111 -4.43 20.24 -9.18
CA TYR C 111 -3.85 21.36 -9.90
C TYR C 111 -4.07 21.27 -11.40
N ILE C 112 -4.43 20.09 -11.92
CA ILE C 112 -4.73 19.92 -13.33
C ILE C 112 -6.23 19.80 -13.61
N LEU C 113 -7.03 19.42 -12.61
CA LEU C 113 -8.46 19.18 -12.84
C LEU C 113 -9.24 20.43 -13.25
N PRO C 114 -9.08 21.60 -12.61
CA PRO C 114 -9.92 22.75 -12.97
C PRO C 114 -9.90 23.10 -14.46
N SER C 115 -8.71 23.22 -15.04
CA SER C 115 -8.62 23.54 -16.46
C SER C 115 -9.00 22.35 -17.33
N MET C 116 -8.69 21.13 -16.89
CA MET C 116 -9.00 19.96 -17.70
C MET C 116 -10.50 19.69 -17.75
N LEU C 117 -11.19 19.80 -16.62
CA LEU C 117 -12.62 19.56 -16.60
C LEU C 117 -13.38 20.64 -17.34
N SER C 118 -12.86 21.88 -17.36
CA SER C 118 -13.52 22.95 -18.10
C SER C 118 -13.38 22.74 -19.61
N ILE C 119 -12.23 22.22 -20.05
CA ILE C 119 -12.03 21.99 -21.48
C ILE C 119 -12.94 20.88 -21.97
N VAL C 120 -13.13 19.83 -21.16
CA VAL C 120 -13.95 18.70 -21.58
C VAL C 120 -15.42 19.11 -21.67
N ASP C 121 -15.89 19.89 -20.69
CA ASP C 121 -17.30 20.26 -20.67
C ASP C 121 -17.69 21.14 -21.85
N GLU C 122 -16.76 21.98 -22.32
CA GLU C 122 -17.07 22.93 -23.39
C GLU C 122 -16.79 22.38 -24.77
N GLU C 123 -15.75 21.55 -24.93
CA GLU C 123 -15.31 21.10 -26.24
C GLU C 123 -15.57 19.62 -26.52
N TYR C 124 -15.88 18.82 -25.50
CA TYR C 124 -16.16 17.40 -25.67
C TYR C 124 -17.35 17.02 -24.82
N PRO C 125 -18.55 17.48 -25.20
CA PRO C 125 -19.73 17.23 -24.36
C PRO C 125 -20.17 15.79 -24.33
N ASP C 126 -19.87 15.01 -25.37
CA ASP C 126 -20.24 13.60 -25.38
C ASP C 126 -19.34 12.78 -24.47
N LEU C 127 -18.18 13.29 -24.10
CA LEU C 127 -17.28 12.57 -23.21
C LEU C 127 -17.83 12.57 -21.78
N GLU C 128 -17.65 11.44 -21.09
CA GLU C 128 -18.16 11.24 -19.73
C GLU C 128 -16.98 10.89 -18.84
N PRO C 129 -16.29 11.86 -18.28
CA PRO C 129 -15.06 11.58 -17.54
C PRO C 129 -15.33 11.12 -16.11
N HIS C 130 -14.53 10.16 -15.66
CA HIS C 130 -14.54 9.69 -14.28
C HIS C 130 -13.11 9.79 -13.75
N ILE C 131 -12.95 10.44 -12.61
CA ILE C 131 -11.64 10.74 -12.04
C ILE C 131 -11.41 9.89 -10.81
N VAL C 132 -10.27 9.22 -10.76
CA VAL C 132 -9.87 8.40 -9.63
C VAL C 132 -8.52 8.92 -9.13
N GLU C 133 -8.50 9.48 -7.93
CA GLU C 133 -7.28 10.03 -7.35
C GLU C 133 -6.75 9.05 -6.30
N ASP C 134 -5.57 8.50 -6.55
CA ASP C 134 -4.91 7.62 -5.59
C ASP C 134 -3.43 7.57 -5.94
N GLN C 135 -2.66 6.86 -5.12
CA GLN C 135 -1.23 6.79 -5.30
C GLN C 135 -0.87 5.90 -6.48
N THR C 136 0.42 5.90 -6.83
CA THR C 136 0.87 5.29 -8.08
C THR C 136 0.65 3.79 -8.09
N LYS C 137 0.89 3.10 -6.97
CA LYS C 137 0.75 1.66 -6.93
C LYS C 137 -0.69 1.23 -7.15
N HIS C 138 -1.64 1.92 -6.51
CA HIS C 138 -3.05 1.55 -6.68
C HIS C 138 -3.56 1.89 -8.07
N LEU C 139 -3.01 2.95 -8.68
CA LEU C 139 -3.41 3.30 -10.04
C LEU C 139 -3.00 2.21 -11.02
N LEU C 140 -1.75 1.74 -10.93
CA LEU C 140 -1.30 0.65 -11.78
C LEU C 140 -2.07 -0.63 -11.51
N ALA C 141 -2.46 -0.85 -10.24
CA ALA C 141 -3.30 -2.00 -9.92
C ALA C 141 -4.66 -1.89 -10.61
N LEU C 142 -5.30 -0.72 -10.48
CA LEU C 142 -6.56 -0.50 -11.19
C LEU C 142 -6.38 -0.49 -12.69
N LEU C 143 -5.17 -0.23 -13.18
CA LEU C 143 -4.93 -0.22 -14.62
C LEU C 143 -4.75 -1.64 -15.17
N ARG C 144 -4.07 -2.51 -14.44
CA ARG C 144 -3.98 -3.91 -14.86
C ARG C 144 -5.36 -4.56 -14.82
N ASP C 145 -6.12 -4.31 -13.77
CA ASP C 145 -7.53 -4.62 -13.77
C ASP C 145 -8.25 -3.68 -14.73
N GLY C 146 -9.53 -3.94 -14.94
CA GLY C 146 -10.35 -3.12 -15.82
C GLY C 146 -10.98 -1.90 -15.17
N ALA C 147 -10.62 -1.58 -13.92
CA ALA C 147 -11.31 -0.51 -13.20
C ALA C 147 -11.00 0.87 -13.75
N ILE C 148 -9.85 1.09 -14.37
CA ILE C 148 -9.56 2.36 -15.02
C ILE C 148 -9.02 2.11 -16.42
N ASP C 149 -9.23 3.10 -17.30
CA ASP C 149 -8.79 2.99 -18.68
C ASP C 149 -7.40 3.58 -18.91
N VAL C 150 -7.06 4.65 -18.21
CA VAL C 150 -5.77 5.31 -18.38
C VAL C 150 -5.37 5.97 -17.06
N ALA C 151 -4.07 6.20 -16.90
CA ALA C 151 -3.53 6.75 -15.67
C ALA C 151 -2.53 7.86 -15.97
N MET C 152 -2.63 8.96 -15.24
CA MET C 152 -1.69 10.06 -15.32
C MET C 152 -0.74 9.97 -14.13
N MET C 153 0.54 9.81 -14.41
CA MET C 153 1.54 9.61 -13.36
C MET C 153 2.90 10.03 -13.89
N ALA C 154 3.91 9.92 -13.02
CA ALA C 154 5.26 10.32 -13.38
C ALA C 154 5.98 9.18 -14.09
N LEU C 155 6.70 9.53 -15.17
CA LEU C 155 7.48 8.55 -15.91
C LEU C 155 8.92 8.50 -15.40
N PRO C 156 9.56 7.32 -15.46
CA PRO C 156 9.00 6.06 -15.95
C PRO C 156 8.17 5.35 -14.88
N SER C 157 7.10 4.66 -15.31
CA SER C 157 6.26 3.90 -14.40
C SER C 157 6.72 2.46 -14.21
N GLU C 158 8.01 2.18 -14.44
CA GLU C 158 8.62 0.85 -14.33
C GLU C 158 7.72 -0.35 -14.66
N ALA C 159 6.53 -0.12 -15.23
CA ALA C 159 5.64 -1.24 -15.52
C ALA C 159 5.91 -1.80 -16.92
N PRO C 160 5.96 -3.12 -17.05
CA PRO C 160 6.24 -3.73 -18.36
C PRO C 160 5.03 -3.80 -19.28
N GLY C 161 3.88 -4.20 -18.75
CA GLY C 161 2.69 -4.39 -19.55
C GLY C 161 1.97 -3.11 -19.96
N MET C 162 2.57 -1.96 -19.67
CA MET C 162 1.98 -0.67 -19.99
C MET C 162 2.79 0.05 -21.04
N LYS C 163 2.12 1.00 -21.71
CA LYS C 163 2.75 1.90 -22.67
C LYS C 163 2.56 3.33 -22.17
N GLU C 164 3.57 4.16 -22.40
CA GLU C 164 3.62 5.50 -21.85
C GLU C 164 3.46 6.54 -22.95
N ILE C 165 2.71 7.60 -22.65
CA ILE C 165 2.59 8.76 -23.52
C ILE C 165 3.16 9.96 -22.78
N PRO C 166 4.34 10.45 -23.16
CA PRO C 166 4.92 11.60 -22.45
C PRO C 166 4.10 12.86 -22.68
N LEU C 167 3.73 13.53 -21.58
CA LEU C 167 2.90 14.72 -21.63
C LEU C 167 3.71 16.00 -21.52
N TYR C 168 4.38 16.20 -20.39
CA TYR C 168 5.11 17.44 -20.15
C TYR C 168 6.14 17.21 -19.06
N ASP C 169 7.07 18.17 -18.96
CA ASP C 169 8.07 18.21 -17.89
C ASP C 169 7.74 19.38 -16.98
N GLU C 170 7.52 19.09 -15.70
CA GLU C 170 7.04 20.07 -14.73
C GLU C 170 8.18 20.40 -13.76
N ASP C 171 8.57 21.68 -13.74
CA ASP C 171 9.68 22.12 -12.90
C ASP C 171 9.26 22.16 -11.43
N PHE C 172 10.27 22.08 -10.56
CA PHE C 172 10.09 22.21 -9.12
C PHE C 172 10.44 23.61 -8.67
N ILE C 173 9.88 24.00 -7.53
CA ILE C 173 10.20 25.27 -6.89
C ILE C 173 10.41 25.01 -5.40
N VAL C 174 11.31 25.76 -4.79
CA VAL C 174 11.64 25.60 -3.39
C VAL C 174 10.72 26.46 -2.55
N VAL C 175 10.13 25.88 -1.52
CA VAL C 175 9.21 26.58 -0.63
C VAL C 175 9.84 26.60 0.76
N THR C 176 10.14 27.80 1.25
CA THR C 176 10.71 28.00 2.58
C THR C 176 9.81 28.94 3.37
N ALA C 177 10.18 29.18 4.63
CA ALA C 177 9.51 30.19 5.42
C ALA C 177 9.92 31.58 4.94
N SER C 178 9.15 32.58 5.37
CA SER C 178 9.43 33.96 4.94
C SER C 178 10.76 34.45 5.52
N ASP C 179 11.09 34.04 6.73
CA ASP C 179 12.33 34.47 7.39
C ASP C 179 13.53 33.63 6.99
N HIS C 180 13.35 32.61 6.14
CA HIS C 180 14.45 31.75 5.77
C HIS C 180 15.47 32.52 4.92
N PRO C 181 16.75 32.21 5.07
CA PRO C 181 17.77 32.92 4.28
C PRO C 181 17.60 32.77 2.77
N PHE C 182 17.22 31.58 2.30
CA PHE C 182 17.09 31.35 0.87
C PHE C 182 15.85 32.01 0.26
N ALA C 183 14.97 32.58 1.08
CA ALA C 183 13.74 33.19 0.60
C ALA C 183 14.04 34.23 -0.48
N GLY C 184 13.42 34.07 -1.64
CA GLY C 184 13.54 35.00 -2.74
C GLY C 184 14.70 34.74 -3.67
N ARG C 185 15.64 33.87 -3.31
CA ARG C 185 16.80 33.61 -4.15
C ARG C 185 16.40 32.86 -5.41
N GLN C 186 17.01 33.23 -6.54
CA GLN C 186 16.71 32.64 -7.84
C GLN C 186 17.96 32.06 -8.50
N ASP C 187 19.01 31.77 -7.72
CA ASP C 187 20.28 31.34 -8.27
C ASP C 187 20.85 30.13 -7.52
N LEU C 188 20.00 29.36 -6.85
CA LEU C 188 20.48 28.26 -6.01
C LEU C 188 21.10 27.16 -6.85
N GLU C 189 22.10 26.50 -6.27
CA GLU C 189 22.68 25.29 -6.83
C GLU C 189 22.20 24.08 -6.05
N LEU C 190 22.44 22.89 -6.61
CA LEU C 190 22.03 21.66 -5.94
C LEU C 190 22.71 21.49 -4.59
N SER C 191 23.91 22.06 -4.42
CA SER C 191 24.58 22.03 -3.14
C SER C 191 23.77 22.70 -2.03
N ALA C 192 22.88 23.63 -2.39
CA ALA C 192 22.07 24.32 -1.40
C ALA C 192 21.05 23.40 -0.73
N LEU C 193 20.77 22.24 -1.32
CA LEU C 193 19.84 21.30 -0.70
C LEU C 193 20.40 20.74 0.60
N GLU C 194 21.73 20.71 0.74
CA GLU C 194 22.34 20.27 1.99
C GLU C 194 21.92 21.17 3.15
N ASP C 195 21.89 22.48 2.92
CA ASP C 195 21.56 23.42 4.00
C ASP C 195 20.11 23.31 4.43
N LEU C 196 19.24 22.85 3.54
CA LEU C 196 17.82 22.76 3.84
C LEU C 196 17.51 21.50 4.63
N ASP C 197 16.46 21.57 5.45
CA ASP C 197 15.91 20.44 6.18
C ASP C 197 14.60 20.09 5.47
N LEU C 198 14.69 19.22 4.46
CA LEU C 198 13.57 18.98 3.56
C LEU C 198 12.46 18.20 4.25
N LEU C 199 11.22 18.61 3.99
CA LEU C 199 10.02 17.90 4.44
C LEU C 199 9.40 17.20 3.24
N LEU C 200 9.40 15.88 3.28
CA LEU C 200 9.00 15.04 2.16
C LEU C 200 7.70 14.32 2.46
N LEU C 201 6.97 13.98 1.40
CA LEU C 201 5.83 13.11 1.51
C LEU C 201 6.31 11.68 1.74
N ASP C 202 5.44 10.84 2.30
CA ASP C 202 5.83 9.50 2.71
C ASP C 202 6.20 8.64 1.50
N ASP C 203 6.34 7.34 1.74
CA ASP C 203 7.02 6.48 0.78
C ASP C 203 6.14 6.10 -0.42
N GLY C 204 4.83 6.21 -0.32
CA GLY C 204 4.04 5.82 -1.48
C GLY C 204 3.85 6.90 -2.51
N HIS C 205 4.25 8.13 -2.20
CA HIS C 205 4.14 9.24 -3.14
C HIS C 205 5.36 9.26 -4.05
N SER C 206 5.12 9.47 -5.35
N SER C 206 5.12 9.49 -5.34
CA SER C 206 6.22 9.55 -6.30
CA SER C 206 6.25 9.54 -6.29
C SER C 206 7.08 10.80 -6.10
C SER C 206 7.09 10.80 -6.11
N LEU C 207 6.56 11.81 -5.42
CA LEU C 207 7.35 13.02 -5.16
C LEU C 207 8.43 12.74 -4.13
N HIS C 208 8.24 11.73 -3.28
CA HIS C 208 9.24 11.38 -2.29
C HIS C 208 10.54 10.90 -2.94
N ASP C 209 10.43 10.16 -4.05
CA ASP C 209 11.63 9.66 -4.72
C ASP C 209 12.15 10.62 -5.78
N GLN C 210 11.34 11.57 -6.22
CA GLN C 210 11.78 12.62 -7.14
C GLN C 210 12.65 13.66 -6.46
N ILE C 211 12.78 13.58 -5.14
CA ILE C 211 13.57 14.55 -4.39
C ILE C 211 14.77 13.88 -3.71
N VAL C 212 14.66 12.62 -3.28
CA VAL C 212 15.80 11.97 -2.67
C VAL C 212 16.84 11.63 -3.74
N ASP C 213 16.39 11.33 -4.97
CA ASP C 213 17.33 11.13 -6.05
C ASP C 213 17.92 12.46 -6.53
N LEU C 214 17.21 13.56 -6.26
CA LEU C 214 17.69 14.88 -6.65
C LEU C 214 18.80 15.34 -5.71
N CYS C 215 18.75 14.93 -4.45
CA CYS C 215 19.81 15.23 -3.51
C CYS C 215 21.06 14.40 -3.79
N ARG C 216 20.87 13.14 -4.18
CA ARG C 216 22.00 12.26 -4.45
C ARG C 216 22.78 12.68 -5.69
N ARG C 217 22.22 13.56 -6.54
CA ARG C 217 22.93 14.07 -7.71
C ARG C 217 24.02 15.04 -7.24
N GLY C 218 25.11 14.47 -6.75
CA GLY C 218 26.26 15.27 -6.35
C GLY C 218 26.11 16.04 -5.07
N ASP C 219 25.50 15.44 -4.05
CA ASP C 219 25.37 16.07 -2.75
C ASP C 219 25.27 14.98 -1.68
N ILE C 220 24.86 15.35 -0.49
CA ILE C 220 24.82 14.45 0.65
C ILE C 220 23.41 13.89 0.81
N ASN C 221 23.27 12.94 1.72
CA ASN C 221 21.98 12.32 2.00
C ASN C 221 21.27 13.02 3.16
N ALA C 228 13.36 13.06 8.93
CA ALA C 228 13.32 11.60 8.92
C ALA C 228 12.08 11.09 9.66
N VAL C 229 11.79 11.70 10.81
CA VAL C 229 10.64 11.30 11.61
C VAL C 229 9.37 12.03 11.17
N THR C 230 9.47 13.34 10.91
CA THR C 230 8.33 14.10 10.44
C THR C 230 7.88 13.56 9.09
N ARG C 231 6.57 13.33 8.94
CA ARG C 231 6.07 12.66 7.74
C ARG C 231 4.61 13.02 7.53
N ALA C 232 4.31 13.58 6.36
CA ALA C 232 2.98 14.00 5.98
C ALA C 232 2.52 13.26 4.72
N SER C 233 1.21 13.25 4.51
CA SER C 233 0.62 12.58 3.35
C SER C 233 0.07 13.54 2.30
N SER C 234 0.02 14.84 2.58
CA SER C 234 -0.52 15.81 1.64
C SER C 234 0.37 17.05 1.61
N LEU C 235 0.34 17.75 0.48
CA LEU C 235 1.12 18.98 0.34
C LEU C 235 0.61 20.07 1.26
N THR C 236 -0.71 20.17 1.44
CA THR C 236 -1.28 21.21 2.27
C THR C 236 -0.83 21.08 3.72
N THR C 237 -0.57 19.85 4.18
CA THR C 237 -0.05 19.65 5.53
C THR C 237 1.43 20.04 5.60
N VAL C 238 2.19 19.69 4.56
CA VAL C 238 3.60 20.08 4.49
C VAL C 238 3.73 21.60 4.52
N MET C 239 2.82 22.30 3.83
CA MET C 239 2.88 23.77 3.79
C MET C 239 2.73 24.37 5.18
N GLN C 240 1.81 23.83 5.98
CA GLN C 240 1.64 24.36 7.33
C GLN C 240 2.88 24.14 8.19
N LEU C 241 3.62 23.05 7.93
CA LEU C 241 4.88 22.82 8.64
C LEU C 241 5.94 23.81 8.20
N VAL C 242 5.94 24.19 6.92
CA VAL C 242 6.93 25.13 6.42
C VAL C 242 6.67 26.52 6.98
N VAL C 243 5.40 26.90 7.12
CA VAL C 243 5.06 28.19 7.70
C VAL C 243 5.56 28.29 9.13
N ALA C 244 5.45 27.21 9.89
CA ALA C 244 5.89 27.17 11.28
C ALA C 244 7.39 27.05 11.42
N GLY C 245 8.14 26.96 10.32
CA GLY C 245 9.58 26.91 10.39
C GLY C 245 10.19 25.58 10.78
N LEU C 246 9.54 24.47 10.46
CA LEU C 246 10.08 23.14 10.73
C LEU C 246 10.76 22.53 9.50
N GLY C 247 11.14 23.34 8.53
CA GLY C 247 11.84 22.87 7.35
C GLY C 247 11.26 23.44 6.09
N SER C 248 11.89 23.08 4.98
CA SER C 248 11.50 23.51 3.64
C SER C 248 11.05 22.30 2.83
N THR C 249 10.63 22.55 1.59
CA THR C 249 10.12 21.49 0.72
C THR C 249 10.20 21.95 -0.72
N LEU C 250 10.05 20.98 -1.63
CA LEU C 250 9.95 21.23 -3.06
C LEU C 250 8.56 20.86 -3.54
N VAL C 251 7.96 21.72 -4.35
CA VAL C 251 6.63 21.46 -4.90
C VAL C 251 6.64 21.76 -6.40
N PRO C 252 5.78 21.10 -7.19
CA PRO C 252 5.69 21.43 -8.61
C PRO C 252 5.01 22.77 -8.83
N ILE C 253 5.37 23.42 -9.94
CA ILE C 253 4.93 24.79 -10.18
C ILE C 253 3.41 24.91 -10.25
N SER C 254 2.73 23.85 -10.71
CA SER C 254 1.27 23.93 -10.83
C SER C 254 0.59 24.00 -9.48
N ALA C 255 1.28 23.65 -8.40
CA ALA C 255 0.73 23.72 -7.05
C ALA C 255 0.86 25.10 -6.43
N ILE C 256 1.50 26.05 -7.12
CA ILE C 256 1.78 27.36 -6.52
C ILE C 256 0.51 28.12 -6.17
N PRO C 257 -0.47 28.31 -7.08
CA PRO C 257 -1.64 29.11 -6.71
C PRO C 257 -2.50 28.48 -5.63
N TRP C 258 -2.38 27.18 -5.39
CA TRP C 258 -3.24 26.47 -4.45
C TRP C 258 -2.56 26.20 -3.11
N GLU C 259 -1.22 26.24 -3.05
CA GLU C 259 -0.50 25.90 -1.83
C GLU C 259 0.52 26.95 -1.40
N CYS C 260 0.96 27.84 -2.29
CA CYS C 260 2.07 28.74 -2.01
C CYS C 260 1.66 30.20 -1.89
N THR C 261 0.37 30.47 -1.69
CA THR C 261 -0.12 31.84 -1.58
C THR C 261 -0.63 32.18 -0.19
N ARG C 262 -0.52 31.26 0.77
CA ARG C 262 -0.90 31.55 2.14
C ARG C 262 0.18 32.38 2.82
N PRO C 263 -0.17 33.13 3.87
CA PRO C 263 0.83 33.95 4.55
C PRO C 263 1.86 33.09 5.27
N GLY C 264 3.10 33.59 5.27
CA GLY C 264 4.20 32.93 5.95
C GLY C 264 5.11 32.12 5.06
N LEU C 265 4.85 32.07 3.75
CA LEU C 265 5.65 31.28 2.83
C LEU C 265 6.50 32.17 1.95
N ALA C 266 7.48 31.56 1.31
CA ALA C 266 8.35 32.23 0.35
C ALA C 266 8.92 31.20 -0.59
N THR C 267 9.16 31.63 -1.83
CA THR C 267 9.61 30.73 -2.89
C THR C 267 11.06 31.01 -3.26
N ALA C 268 11.69 30.02 -3.89
CA ALA C 268 13.06 30.14 -4.35
C ALA C 268 13.27 29.14 -5.49
N ASN C 269 14.09 29.54 -6.45
CA ASN C 269 14.38 28.71 -7.60
C ASN C 269 15.89 28.48 -7.74
N PHE C 270 16.24 27.39 -8.40
CA PHE C 270 17.62 27.10 -8.75
C PHE C 270 18.06 27.96 -9.93
N ASN C 271 19.35 27.91 -10.24
CA ASN C 271 19.86 28.63 -11.39
C ASN C 271 19.55 27.85 -12.67
N SER C 272 19.69 28.53 -13.81
CA SER C 272 19.26 27.98 -15.09
C SER C 272 19.99 26.69 -15.45
N ASP C 273 21.23 26.53 -14.99
CA ASP C 273 21.99 25.33 -15.32
C ASP C 273 21.51 24.10 -14.59
N VAL C 274 20.77 24.26 -13.49
CA VAL C 274 20.20 23.14 -12.75
C VAL C 274 18.85 22.78 -13.35
N THR C 275 18.57 21.48 -13.43
CA THR C 275 17.31 20.97 -13.95
C THR C 275 16.69 20.06 -12.90
N ALA C 276 15.73 20.60 -12.14
CA ALA C 276 15.00 19.87 -11.12
C ALA C 276 13.53 19.86 -11.53
N ASN C 277 13.07 18.75 -12.09
CA ASN C 277 11.71 18.66 -12.60
C ASN C 277 11.23 17.22 -12.50
N ARG C 278 10.00 16.99 -12.98
CA ARG C 278 9.44 15.65 -13.08
C ARG C 278 8.75 15.52 -14.43
N ARG C 279 8.79 14.30 -14.97
CA ARG C 279 8.19 14.00 -16.27
C ARG C 279 6.85 13.30 -16.04
N ILE C 280 5.77 13.99 -16.38
CA ILE C 280 4.42 13.46 -16.23
C ILE C 280 3.97 12.90 -17.57
N GLY C 281 3.32 11.74 -17.55
CA GLY C 281 2.89 11.12 -18.79
C GLY C 281 1.59 10.38 -18.61
N LEU C 282 1.07 9.91 -19.75
CA LEU C 282 -0.16 9.12 -19.79
C LEU C 282 0.22 7.66 -20.01
N VAL C 283 -0.26 6.78 -19.13
CA VAL C 283 0.12 5.38 -19.13
C VAL C 283 -1.14 4.54 -19.31
N TYR C 284 -1.10 3.61 -20.25
CA TYR C 284 -2.24 2.74 -20.55
C TYR C 284 -1.74 1.35 -20.87
N ARG C 285 -2.68 0.41 -21.00
CA ARG C 285 -2.34 -0.99 -21.22
C ARG C 285 -1.83 -1.20 -22.65
N SER C 286 -0.88 -2.11 -22.80
CA SER C 286 -0.34 -2.42 -24.12
C SER C 286 -1.37 -3.11 -25.00
N SER C 287 -2.24 -3.94 -24.41
CA SER C 287 -3.27 -4.63 -25.18
C SER C 287 -4.34 -3.67 -25.70
N SER C 288 -4.38 -2.44 -25.20
CA SER C 288 -5.42 -1.50 -25.62
C SER C 288 -5.25 -1.12 -27.08
N SER C 289 -6.39 -0.98 -27.76
CA SER C 289 -6.44 -0.54 -29.15
C SER C 289 -6.90 0.91 -29.26
N ARG C 290 -6.96 1.63 -28.14
CA ARG C 290 -7.44 3.01 -28.08
C ARG C 290 -6.29 4.01 -28.03
N ALA C 291 -5.17 3.71 -28.70
CA ALA C 291 -4.01 4.60 -28.68
C ALA C 291 -4.37 5.99 -29.19
N GLU C 292 -4.98 6.07 -30.38
CA GLU C 292 -5.32 7.37 -30.95
C GLU C 292 -6.39 8.10 -30.14
N GLU C 293 -7.19 7.37 -29.37
CA GLU C 293 -8.15 8.04 -28.48
C GLU C 293 -7.45 8.61 -27.25
N PHE C 294 -6.42 7.93 -26.75
CA PHE C 294 -5.68 8.44 -25.60
C PHE C 294 -4.75 9.59 -26.00
N GLU C 295 -4.15 9.51 -27.18
CA GLU C 295 -3.31 10.61 -27.66
C GLU C 295 -4.13 11.88 -27.85
N GLN C 296 -5.41 11.75 -28.22
N GLN C 296 -5.41 11.75 -28.21
CA GLN C 296 -6.27 12.92 -28.31
CA GLN C 296 -6.27 12.92 -28.31
C GLN C 296 -6.59 13.47 -26.92
C GLN C 296 -6.60 13.48 -26.93
N PHE C 297 -6.79 12.58 -25.95
CA PHE C 297 -6.98 13.04 -24.57
C PHE C 297 -5.70 13.61 -23.99
N ALA C 298 -4.54 13.17 -24.51
CA ALA C 298 -3.26 13.72 -24.07
C ALA C 298 -3.15 15.19 -24.43
N LEU C 299 -3.71 15.60 -25.57
CA LEU C 299 -3.66 17.00 -25.96
C LEU C 299 -4.47 17.87 -25.00
N ILE C 300 -5.57 17.34 -24.48
CA ILE C 300 -6.35 18.09 -23.48
C ILE C 300 -5.52 18.32 -22.23
N LEU C 301 -4.81 17.29 -21.77
CA LEU C 301 -4.00 17.41 -20.57
C LEU C 301 -2.84 18.38 -20.78
N GLN C 302 -2.21 18.34 -21.95
CA GLN C 302 -1.14 19.30 -22.26
C GLN C 302 -1.67 20.72 -22.21
N ARG C 303 -2.86 20.97 -22.77
CA ARG C 303 -3.44 22.30 -22.71
C ARG C 303 -3.77 22.69 -21.27
N ALA C 304 -4.32 21.75 -20.49
CA ALA C 304 -4.67 22.04 -19.11
C ALA C 304 -3.44 22.38 -18.28
N PHE C 305 -2.28 21.83 -18.63
CA PHE C 305 -1.06 22.13 -17.89
C PHE C 305 -0.58 23.54 -18.20
N GLN C 306 -0.64 23.96 -19.47
CA GLN C 306 -0.24 25.31 -19.82
C GLN C 306 -1.17 26.35 -19.20
N GLU C 307 -2.46 26.02 -19.03
CA GLU C 307 -3.36 26.89 -18.31
C GLU C 307 -3.01 26.93 -16.82
N ALA C 308 -2.57 25.79 -16.28
CA ALA C 308 -2.15 25.75 -14.88
C ALA C 308 -0.85 26.52 -14.67
N VAL C 309 0.06 26.47 -15.64
CA VAL C 309 1.29 27.24 -15.56
C VAL C 309 0.99 28.73 -15.64
N ALA C 310 0.07 29.11 -16.53
CA ALA C 310 -0.33 30.52 -16.64
C ALA C 310 -0.93 31.02 -15.33
N LEU C 311 -1.72 30.18 -14.65
CA LEU C 311 -2.27 30.57 -13.36
C LEU C 311 -1.18 30.76 -12.32
N ALA C 312 -0.13 29.92 -12.37
CA ALA C 312 0.98 30.08 -11.45
C ALA C 312 1.71 31.40 -11.69
N ALA C 313 1.95 31.75 -12.96
CA ALA C 313 2.62 33.00 -13.27
C ALA C 313 1.76 34.21 -12.88
N SER C 314 0.44 34.06 -12.86
CA SER C 314 -0.45 35.16 -12.50
C SER C 314 -0.35 35.55 -11.04
N THR C 315 0.28 34.72 -10.20
CA THR C 315 0.39 35.03 -8.78
C THR C 315 1.48 36.05 -8.48
N GLY C 316 2.37 36.32 -9.43
CA GLY C 316 3.50 37.19 -9.21
C GLY C 316 4.72 36.50 -8.66
N ILE C 317 4.62 35.23 -8.30
CA ILE C 317 5.78 34.49 -7.82
C ILE C 317 6.69 34.17 -9.00
N THR C 318 7.98 34.44 -8.83
CA THR C 318 8.93 34.21 -9.92
C THR C 318 9.05 32.71 -10.21
N LEU C 319 8.85 32.36 -11.48
CA LEU C 319 9.00 30.99 -11.92
C LEU C 319 10.42 30.76 -12.44
N LYS C 320 10.77 29.49 -12.58
CA LYS C 320 12.09 29.10 -13.05
C LYS C 320 12.34 29.65 -14.46
N TYR D 6 25.89 23.54 26.98
CA TYR D 6 26.26 22.38 27.77
C TYR D 6 25.88 21.07 27.09
N ARG D 7 26.81 20.12 27.09
CA ARG D 7 26.54 18.77 26.63
C ARG D 7 27.01 17.79 27.69
N PRO D 8 26.20 16.79 28.05
CA PRO D 8 26.65 15.80 29.04
C PRO D 8 27.69 14.86 28.45
N THR D 9 28.48 14.27 29.33
CA THR D 9 29.52 13.32 28.96
C THR D 9 29.11 11.91 29.32
N LEU D 10 29.80 10.94 28.73
CA LEU D 10 29.50 9.53 29.02
C LEU D 10 29.76 9.21 30.47
N ALA D 11 30.87 9.71 31.03
CA ALA D 11 31.18 9.45 32.43
C ALA D 11 30.10 9.97 33.36
N GLN D 12 29.51 11.12 33.03
CA GLN D 12 28.42 11.64 33.84
C GLN D 12 27.16 10.80 33.71
N LEU D 13 26.81 10.40 32.49
CA LEU D 13 25.64 9.54 32.29
C LEU D 13 25.84 8.18 32.93
N ARG D 14 27.04 7.62 32.78
CA ARG D 14 27.35 6.32 33.34
C ARG D 14 27.19 6.30 34.86
N THR D 15 27.45 7.42 35.53
CA THR D 15 27.25 7.50 36.97
C THR D 15 25.77 7.45 37.34
N PHE D 16 24.96 8.26 36.66
CA PHE D 16 23.53 8.33 36.99
C PHE D 16 22.83 7.00 36.75
N VAL D 17 23.22 6.30 35.68
CA VAL D 17 22.64 4.99 35.38
C VAL D 17 23.08 3.98 36.44
N THR D 18 24.33 4.07 36.87
CA THR D 18 24.91 3.07 37.77
C THR D 18 24.17 3.02 39.11
N ILE D 19 23.67 4.16 39.61
CA ILE D 19 22.96 4.14 40.89
C ILE D 19 21.69 3.29 40.78
N ALA D 20 20.92 3.51 39.72
CA ALA D 20 19.69 2.75 39.53
C ALA D 20 19.99 1.30 39.15
N GLU D 21 21.10 1.05 38.47
CA GLU D 21 21.48 -0.30 38.07
C GLU D 21 22.19 -1.04 39.19
N CYS D 22 22.44 -0.36 40.31
CA CYS D 22 22.89 -0.99 41.54
C CYS D 22 21.82 -0.92 42.63
N LYS D 23 20.63 -0.45 42.30
CA LYS D 23 19.49 -0.42 43.19
C LYS D 23 18.84 -1.79 43.37
N HIS D 24 19.30 -2.80 42.64
CA HIS D 24 18.73 -4.14 42.78
C HIS D 24 19.64 -5.03 43.61
N PHE D 25 19.91 -6.25 43.17
CA PHE D 25 20.77 -7.14 43.93
C PHE D 25 22.22 -6.96 43.49
N GLY D 26 22.72 -5.77 43.79
CA GLY D 26 24.08 -5.38 43.47
C GLY D 26 24.37 -4.05 44.13
N THR D 27 25.65 -3.77 44.32
CA THR D 27 26.09 -2.46 44.81
C THR D 27 27.13 -1.86 43.86
N ALA D 28 26.95 -0.59 43.51
CA ALA D 28 27.96 0.14 42.73
C ALA D 28 29.14 0.55 43.61
N GLN D 36 33.00 6.77 47.56
CA GLN D 36 33.64 7.41 46.41
C GLN D 36 33.30 8.89 46.35
N PRO D 37 34.31 9.75 46.60
CA PRO D 37 34.07 11.19 46.47
C PRO D 37 33.85 11.64 45.04
N SER D 38 34.57 11.05 44.07
CA SER D 38 34.44 11.44 42.68
C SER D 38 33.03 11.20 42.14
N LEU D 39 32.38 10.13 42.59
CA LEU D 39 31.03 9.80 42.12
C LEU D 39 30.07 10.96 42.35
N SER D 40 30.11 11.56 43.54
CA SER D 40 29.17 12.64 43.85
C SER D 40 29.45 13.89 43.02
N GLN D 41 30.69 14.08 42.57
CA GLN D 41 31.02 15.27 41.81
C GLN D 41 30.54 15.17 40.36
N ALA D 42 30.67 14.00 39.75
CA ALA D 42 30.17 13.82 38.39
C ALA D 42 28.65 13.94 38.34
N LEU D 43 27.97 13.46 39.39
CA LEU D 43 26.51 13.58 39.43
C LEU D 43 26.08 15.03 39.59
N VAL D 44 26.74 15.78 40.48
CA VAL D 44 26.38 17.17 40.69
C VAL D 44 26.70 18.01 39.46
N ALA D 45 27.77 17.68 38.74
CA ALA D 45 28.07 18.37 37.50
C ALA D 45 27.00 18.10 36.45
N LEU D 46 26.48 16.87 36.41
CA LEU D 46 25.40 16.54 35.49
C LEU D 46 24.11 17.26 35.88
N GLU D 47 23.83 17.36 37.18
CA GLU D 47 22.61 18.03 37.63
C GLU D 47 22.69 19.54 37.40
N THR D 48 23.86 20.13 37.62
CA THR D 48 24.01 21.57 37.41
C THR D 48 23.96 21.92 35.93
N GLY D 49 24.60 21.11 35.08
CA GLY D 49 24.57 21.38 33.66
C GLY D 49 23.19 21.32 33.05
N LEU D 50 22.32 20.47 33.60
CA LEU D 50 20.94 20.37 33.12
C LEU D 50 19.96 21.20 33.94
N GLY D 51 20.33 21.58 35.15
CA GLY D 51 19.45 22.39 35.99
C GLY D 51 18.24 21.65 36.53
N VAL D 52 18.39 20.36 36.84
CA VAL D 52 17.30 19.54 37.36
C VAL D 52 17.86 18.62 38.44
N GLN D 53 17.06 18.37 39.47
CA GLN D 53 17.46 17.48 40.55
CA GLN D 53 17.46 17.48 40.55
C GLN D 53 17.17 16.04 40.15
N LEU D 54 18.21 15.22 40.04
CA LEU D 54 18.08 13.85 39.59
C LEU D 54 18.05 12.83 40.73
N ILE D 55 18.78 13.08 41.81
CA ILE D 55 18.91 12.14 42.92
C ILE D 55 18.58 12.86 44.21
N GLU D 56 17.75 12.25 45.05
CA GLU D 56 17.41 12.82 46.34
C GLU D 56 18.25 12.18 47.46
N ILE D 63 17.35 7.95 46.82
CA ILE D 63 16.17 7.68 46.00
C ILE D 63 16.22 8.52 44.73
N VAL D 64 15.72 7.98 43.63
CA VAL D 64 15.69 8.70 42.36
C VAL D 64 14.48 9.63 42.35
N THR D 65 14.70 10.87 41.94
CA THR D 65 13.64 11.87 41.93
C THR D 65 12.63 11.56 40.82
N PRO D 66 11.42 12.12 40.92
CA PRO D 66 10.45 11.95 39.82
C PRO D 66 10.99 12.33 38.45
N ALA D 67 11.69 13.46 38.34
CA ALA D 67 12.29 13.83 37.07
C ALA D 67 13.39 12.86 36.65
N GLY D 68 14.09 12.28 37.62
CA GLY D 68 15.13 11.31 37.30
C GLY D 68 14.59 10.02 36.73
N GLU D 69 13.40 9.60 37.18
CA GLU D 69 12.82 8.35 36.69
C GLU D 69 12.51 8.43 35.20
N LYS D 70 12.04 9.58 34.73
CA LYS D 70 11.71 9.71 33.31
C LYS D 70 12.97 9.73 32.43
N LEU D 71 14.08 10.24 32.96
CA LEU D 71 15.32 10.36 32.19
C LEU D 71 16.16 9.10 32.23
N LEU D 72 15.98 8.26 33.25
CA LEU D 72 16.81 7.06 33.42
C LEU D 72 16.80 6.13 32.21
N PRO D 73 15.65 5.78 31.61
CA PRO D 73 15.70 4.86 30.45
C PRO D 73 16.49 5.42 29.28
N PHE D 74 16.40 6.73 29.03
CA PHE D 74 17.14 7.31 27.92
C PHE D 74 18.64 7.29 28.19
N ALA D 75 19.04 7.44 29.47
CA ALA D 75 20.45 7.36 29.81
C ALA D 75 20.97 5.93 29.75
N LYS D 76 20.12 4.95 30.09
CA LYS D 76 20.55 3.56 30.04
C LYS D 76 20.71 3.07 28.60
N SER D 77 19.83 3.52 27.72
CA SER D 77 19.96 3.17 26.30
C SER D 77 21.21 3.82 25.69
N THR D 78 21.64 4.96 26.24
CA THR D 78 22.87 5.58 25.77
C THR D 78 24.08 4.71 26.07
N LEU D 79 24.13 4.13 27.28
CA LEU D 79 25.24 3.25 27.63
C LEU D 79 25.18 1.95 26.85
N ASP D 80 23.97 1.41 26.61
CA ASP D 80 23.84 0.19 25.84
C ASP D 80 24.37 0.39 24.42
N ALA D 81 24.16 1.58 23.85
CA ALA D 81 24.72 1.88 22.55
C ALA D 81 26.24 2.02 22.63
N ALA D 82 26.74 2.66 23.70
CA ALA D 82 28.17 2.81 23.87
C ALA D 82 28.84 1.48 24.21
N GLU D 83 28.19 0.67 25.04
CA GLU D 83 28.74 -0.66 25.34
C GLU D 83 28.72 -1.56 24.11
N SER D 84 27.76 -1.36 23.21
CA SER D 84 27.74 -2.12 21.97
C SER D 84 28.84 -1.65 21.02
N PHE D 85 29.21 -0.37 21.09
CA PHE D 85 30.29 0.12 20.25
C PHE D 85 31.63 -0.51 20.67
N LEU D 86 31.88 -0.60 21.97
CA LEU D 86 33.11 -1.26 22.43
C LEU D 86 33.08 -2.75 22.12
N SER D 87 31.91 -3.36 22.13
CA SER D 87 31.81 -4.78 21.79
C SER D 87 32.15 -5.02 20.33
N HIS D 88 31.60 -4.19 19.44
CA HIS D 88 31.89 -4.31 18.02
C HIS D 88 33.25 -3.73 17.66
N ALA D 89 33.77 -2.81 18.47
CA ALA D 89 35.14 -2.32 18.27
C ALA D 89 36.14 -3.43 18.46
N LYS D 90 35.72 -4.52 19.09
CA LYS D 90 36.58 -5.68 19.29
C LYS D 90 36.76 -6.44 17.99
N GLY D 91 35.75 -7.22 17.60
CA GLY D 91 35.74 -7.96 16.36
C GLY D 91 35.91 -7.17 15.07
N ALA D 92 36.25 -5.89 15.18
CA ALA D 92 36.33 -5.03 13.99
C ALA D 92 37.38 -5.50 13.01
N ASN D 93 38.54 -5.95 13.51
CA ASN D 93 39.64 -6.34 12.64
C ASN D 93 39.45 -7.72 12.00
N GLY D 94 38.24 -8.28 12.04
CA GLY D 94 37.97 -9.56 11.44
C GLY D 94 37.20 -9.43 10.13
N SER D 95 37.16 -10.54 9.39
CA SER D 95 36.47 -10.58 8.11
C SER D 95 34.96 -10.50 8.31
N LEU D 96 34.31 -11.66 8.46
CA LEU D 96 32.87 -11.72 8.73
C LEU D 96 32.62 -11.65 10.23
N THR D 97 32.59 -10.43 10.74
CA THR D 97 32.28 -10.19 12.15
C THR D 97 31.28 -9.06 12.25
N GLY D 98 30.57 -9.04 13.38
CA GLY D 98 29.58 -8.04 13.66
C GLY D 98 28.33 -8.20 12.81
N PRO D 99 27.43 -7.22 12.88
CA PRO D 99 26.20 -7.30 12.11
C PRO D 99 26.44 -7.17 10.61
N LEU D 100 25.56 -7.81 9.85
CA LEU D 100 25.58 -7.68 8.39
C LEU D 100 24.14 -7.82 7.91
N THR D 101 23.55 -6.70 7.50
CA THR D 101 22.16 -6.69 7.04
C THR D 101 22.12 -6.95 5.54
N VAL D 102 21.46 -8.03 5.16
CA VAL D 102 21.41 -8.48 3.76
C VAL D 102 19.95 -8.51 3.33
N GLY D 103 19.66 -7.92 2.17
CA GLY D 103 18.34 -7.95 1.58
C GLY D 103 18.26 -9.01 0.49
N ILE D 104 17.18 -9.79 0.52
CA ILE D 104 16.98 -10.89 -0.42
C ILE D 104 15.58 -10.77 -1.00
N ILE D 105 15.47 -11.02 -2.31
CA ILE D 105 14.18 -10.99 -3.01
C ILE D 105 13.33 -12.15 -2.50
N PRO D 106 12.00 -12.03 -2.52
CA PRO D 106 11.16 -13.07 -1.91
C PRO D 106 11.17 -14.39 -2.66
N THR D 107 11.48 -14.40 -3.96
CA THR D 107 11.53 -15.65 -4.71
C THR D 107 12.84 -16.40 -4.52
N ALA D 108 13.73 -15.91 -3.66
CA ALA D 108 14.98 -16.60 -3.37
C ALA D 108 15.27 -16.74 -1.88
N ALA D 109 14.67 -15.91 -1.02
CA ALA D 109 14.99 -15.95 0.41
C ALA D 109 14.69 -17.30 1.05
N PRO D 110 13.46 -17.82 1.04
CA PRO D 110 13.18 -19.04 1.81
C PRO D 110 13.87 -20.29 1.27
N TYR D 111 14.45 -20.22 0.08
CA TYR D 111 15.12 -21.36 -0.52
C TYR D 111 16.64 -21.31 -0.39
N ILE D 112 17.19 -20.14 -0.09
CA ILE D 112 18.63 -20.00 0.13
C ILE D 112 18.96 -19.85 1.62
N LEU D 113 18.01 -19.42 2.44
CA LEU D 113 18.29 -19.17 3.86
C LEU D 113 18.68 -20.42 4.64
N PRO D 114 17.99 -21.57 4.52
CA PRO D 114 18.35 -22.72 5.38
C PRO D 114 19.81 -23.11 5.30
N SER D 115 20.35 -23.22 4.09
CA SER D 115 21.76 -23.58 3.95
CA SER D 115 21.76 -23.58 3.95
C SER D 115 22.68 -22.40 4.23
N MET D 116 22.20 -21.17 4.07
CA MET D 116 23.06 -20.02 4.31
C MET D 116 23.24 -19.75 5.80
N LEU D 117 22.16 -19.82 6.59
CA LEU D 117 22.30 -19.62 8.02
C LEU D 117 23.03 -20.78 8.69
N SER D 118 22.93 -21.98 8.13
CA SER D 118 23.64 -23.12 8.70
C SER D 118 25.15 -22.99 8.49
N ILE D 119 25.57 -22.40 7.38
CA ILE D 119 26.99 -22.23 7.11
C ILE D 119 27.58 -21.15 8.02
N VAL D 120 26.86 -20.05 8.20
N VAL D 120 26.85 -20.05 8.22
CA VAL D 120 27.34 -18.96 9.05
CA VAL D 120 27.39 -18.98 9.04
C VAL D 120 27.42 -19.42 10.50
C VAL D 120 27.36 -19.33 10.53
N ASP D 121 26.44 -20.20 10.95
CA ASP D 121 26.40 -20.62 12.34
C ASP D 121 27.57 -21.52 12.71
N GLU D 122 28.05 -22.33 11.76
CA GLU D 122 29.11 -23.28 12.04
C GLU D 122 30.50 -22.73 11.74
N GLU D 123 30.63 -21.83 10.77
CA GLU D 123 31.93 -21.38 10.31
C GLU D 123 32.22 -19.89 10.56
N TYR D 124 31.20 -19.09 10.88
CA TYR D 124 31.39 -17.67 11.16
C TYR D 124 30.53 -17.29 12.36
N PRO D 125 30.92 -17.74 13.56
CA PRO D 125 30.05 -17.52 14.73
C PRO D 125 29.98 -16.07 15.17
N ASP D 126 31.00 -15.27 14.89
CA ASP D 126 30.97 -13.86 15.27
C ASP D 126 30.05 -13.05 14.35
N LEU D 127 29.69 -13.58 13.19
CA LEU D 127 28.81 -12.85 12.29
C LEU D 127 27.39 -12.83 12.85
N GLU D 128 26.71 -11.69 12.67
CA GLU D 128 25.37 -11.46 13.19
C GLU D 128 24.48 -11.07 12.02
N PRO D 129 23.89 -12.04 11.32
CA PRO D 129 23.15 -11.73 10.10
C PRO D 129 21.73 -11.24 10.38
N HIS D 130 21.30 -10.26 9.59
CA HIS D 130 19.94 -9.74 9.63
C HIS D 130 19.36 -9.79 8.22
N ILE D 131 18.18 -10.38 8.08
CA ILE D 131 17.59 -10.67 6.79
C ILE D 131 16.43 -9.71 6.56
N VAL D 132 16.39 -9.10 5.36
CA VAL D 132 15.31 -8.23 4.94
C VAL D 132 14.77 -8.77 3.64
N GLU D 133 13.54 -9.27 3.65
CA GLU D 133 12.89 -9.83 2.47
C GLU D 133 11.86 -8.85 1.94
N ASP D 134 12.10 -8.33 0.74
CA ASP D 134 11.14 -7.45 0.07
C ASP D 134 11.46 -7.45 -1.42
N GLN D 135 10.69 -6.67 -2.18
CA GLN D 135 10.84 -6.66 -3.62
CA GLN D 135 10.84 -6.64 -3.63
C GLN D 135 12.14 -5.95 -4.03
N THR D 136 12.43 -6.01 -5.32
CA THR D 136 13.70 -5.49 -5.84
C THR D 136 13.82 -3.99 -5.65
N LYS D 137 12.73 -3.24 -5.87
CA LYS D 137 12.80 -1.79 -5.76
C LYS D 137 13.09 -1.35 -4.33
N HIS D 138 12.44 -1.98 -3.35
CA HIS D 138 12.63 -1.58 -1.97
C HIS D 138 14.02 -1.95 -1.45
N LEU D 139 14.60 -3.03 -1.96
CA LEU D 139 15.97 -3.38 -1.56
C LEU D 139 16.96 -2.33 -2.04
N LEU D 140 16.86 -1.93 -3.31
CA LEU D 140 17.74 -0.90 -3.84
C LEU D 140 17.52 0.43 -3.13
N ALA D 141 16.27 0.73 -2.74
CA ALA D 141 16.00 1.93 -1.96
C ALA D 141 16.67 1.84 -0.60
N LEU D 142 16.46 0.73 0.12
CA LEU D 142 17.12 0.54 1.40
C LEU D 142 18.63 0.42 1.27
N LEU D 143 19.13 0.06 0.08
CA LEU D 143 20.56 -0.07 -0.11
C LEU D 143 21.23 1.28 -0.32
N ARG D 144 20.57 2.19 -1.06
CA ARG D 144 21.08 3.55 -1.20
C ARG D 144 21.07 4.29 0.12
N ASP D 145 19.97 4.18 0.87
CA ASP D 145 19.83 4.89 2.14
C ASP D 145 20.55 4.22 3.30
N GLY D 146 21.39 3.21 3.03
CA GLY D 146 22.18 2.59 4.07
C GLY D 146 21.43 1.68 5.01
N ALA D 147 20.14 1.42 4.76
CA ALA D 147 19.35 0.61 5.69
C ALA D 147 19.78 -0.85 5.67
N ILE D 148 20.35 -1.32 4.56
CA ILE D 148 20.93 -2.65 4.44
C ILE D 148 22.32 -2.50 3.87
N ASP D 149 23.18 -3.48 4.17
CA ASP D 149 24.57 -3.41 3.72
C ASP D 149 24.77 -4.03 2.35
N VAL D 150 24.03 -5.08 2.02
CA VAL D 150 24.17 -5.77 0.75
C VAL D 150 22.81 -6.37 0.39
N ALA D 151 22.61 -6.60 -0.91
CA ALA D 151 21.34 -7.09 -1.41
C ALA D 151 21.56 -8.23 -2.39
N MET D 152 20.76 -9.27 -2.25
CA MET D 152 20.75 -10.40 -3.17
C MET D 152 19.55 -10.28 -4.10
N MET D 153 19.80 -10.15 -5.39
CA MET D 153 18.74 -9.91 -6.37
C MET D 153 19.21 -10.40 -7.73
N ALA D 154 18.34 -10.26 -8.72
CA ALA D 154 18.62 -10.72 -10.07
C ALA D 154 19.37 -9.63 -10.85
N LEU D 155 20.40 -10.05 -11.59
CA LEU D 155 21.17 -9.15 -12.43
C LEU D 155 20.62 -9.13 -13.85
N PRO D 156 20.72 -8.00 -14.57
CA PRO D 156 21.32 -6.75 -14.12
C PRO D 156 20.37 -5.92 -13.25
N SER D 157 20.93 -5.16 -12.31
CA SER D 157 20.14 -4.29 -11.46
C SER D 157 19.89 -2.93 -12.08
N GLU D 158 20.67 -2.54 -13.10
CA GLU D 158 20.55 -1.28 -13.82
C GLU D 158 20.67 -0.05 -12.93
N ALA D 159 21.02 -0.21 -11.67
CA ALA D 159 21.10 0.95 -10.79
C ALA D 159 22.52 1.53 -10.81
N PRO D 160 22.63 2.85 -10.92
CA PRO D 160 23.95 3.48 -10.93
C PRO D 160 24.51 3.62 -9.52
N GLY D 161 25.83 3.82 -9.46
CA GLY D 161 26.50 3.93 -8.18
C GLY D 161 26.59 2.63 -7.40
N MET D 162 26.17 1.51 -7.99
CA MET D 162 26.23 0.21 -7.34
C MET D 162 27.23 -0.68 -8.06
N LYS D 163 27.73 -1.67 -7.34
CA LYS D 163 28.62 -2.68 -7.91
C LYS D 163 28.02 -4.06 -7.72
N GLU D 164 28.17 -4.91 -8.73
CA GLU D 164 27.54 -6.22 -8.77
C GLU D 164 28.58 -7.32 -8.65
N ILE D 165 28.24 -8.37 -7.91
CA ILE D 165 29.05 -9.58 -7.84
C ILE D 165 28.20 -10.75 -8.34
N PRO D 166 28.48 -11.28 -9.53
CA PRO D 166 27.66 -12.39 -10.04
C PRO D 166 27.86 -13.64 -9.19
N LEU D 167 26.74 -14.23 -8.75
CA LEU D 167 26.75 -15.39 -7.87
C LEU D 167 26.54 -16.70 -8.64
N TYR D 168 25.38 -16.86 -9.26
CA TYR D 168 25.06 -18.11 -9.94
C TYR D 168 23.95 -17.86 -10.95
N ASP D 169 23.77 -18.83 -11.83
CA ASP D 169 22.68 -18.83 -12.80
C ASP D 169 21.70 -19.94 -12.41
N GLU D 170 20.46 -19.56 -12.15
CA GLU D 170 19.45 -20.46 -11.61
C GLU D 170 18.40 -20.73 -12.67
N ASP D 171 18.28 -22.01 -13.07
CA ASP D 171 17.34 -22.39 -14.10
C ASP D 171 15.91 -22.40 -13.57
N PHE D 172 14.96 -22.29 -14.48
CA PHE D 172 13.54 -22.40 -14.18
C PHE D 172 13.03 -23.79 -14.53
N ILE D 173 11.93 -24.16 -13.88
CA ILE D 173 11.22 -25.40 -14.19
C ILE D 173 9.73 -25.09 -14.29
N VAL D 174 9.05 -25.77 -15.19
CA VAL D 174 7.63 -25.55 -15.42
C VAL D 174 6.84 -26.46 -14.49
N VAL D 175 5.87 -25.87 -13.79
CA VAL D 175 5.03 -26.60 -12.84
C VAL D 175 3.60 -26.54 -13.34
N THR D 176 3.03 -27.70 -13.64
CA THR D 176 1.66 -27.83 -14.09
C THR D 176 0.92 -28.79 -13.15
N ALA D 177 -0.37 -28.98 -13.41
CA ALA D 177 -1.13 -29.98 -12.70
C ALA D 177 -0.71 -31.38 -13.17
N SER D 178 -1.08 -32.38 -12.38
CA SER D 178 -0.72 -33.76 -12.71
C SER D 178 -1.38 -34.22 -14.00
N ASP D 179 -2.60 -33.76 -14.26
CA ASP D 179 -3.34 -34.16 -15.45
C ASP D 179 -3.02 -33.31 -16.68
N HIS D 180 -2.15 -32.32 -16.54
CA HIS D 180 -1.84 -31.44 -17.67
C HIS D 180 -1.09 -32.21 -18.75
N PRO D 181 -1.33 -31.90 -20.03
CA PRO D 181 -0.60 -32.63 -21.09
C PRO D 181 0.91 -32.49 -21.03
N PHE D 182 1.42 -31.29 -20.69
CA PHE D 182 2.86 -31.06 -20.66
C PHE D 182 3.54 -31.73 -19.47
N ALA D 183 2.78 -32.30 -18.54
CA ALA D 183 3.35 -32.93 -17.35
C ALA D 183 4.40 -33.96 -17.73
N GLY D 184 5.60 -33.80 -17.19
CA GLY D 184 6.67 -34.76 -17.39
C GLY D 184 7.53 -34.52 -18.62
N ARG D 185 7.12 -33.65 -19.53
CA ARG D 185 7.89 -33.43 -20.74
C ARG D 185 9.19 -32.71 -20.43
N GLN D 186 10.28 -33.18 -21.05
CA GLN D 186 11.60 -32.61 -20.85
C GLN D 186 12.17 -32.02 -22.14
N ASP D 187 11.32 -31.70 -23.11
CA ASP D 187 11.76 -31.26 -24.42
C ASP D 187 10.99 -30.03 -24.91
N LEU D 188 10.38 -29.29 -24.00
CA LEU D 188 9.52 -28.18 -24.40
C LEU D 188 10.32 -27.07 -25.09
N GLU D 189 9.66 -26.43 -26.06
CA GLU D 189 10.17 -25.22 -26.68
C GLU D 189 9.42 -24.01 -26.15
N LEU D 190 9.95 -22.82 -26.44
CA LEU D 190 9.31 -21.60 -25.96
C LEU D 190 7.91 -21.42 -26.55
N SER D 191 7.64 -22.01 -27.71
CA SER D 191 6.29 -21.96 -28.27
C SER D 191 5.26 -22.58 -27.33
N ALA D 192 5.68 -23.47 -26.44
CA ALA D 192 4.75 -24.11 -25.51
C ALA D 192 4.18 -23.14 -24.49
N LEU D 193 4.81 -21.98 -24.29
CA LEU D 193 4.27 -20.99 -23.36
C LEU D 193 2.93 -20.45 -23.85
N GLU D 194 2.70 -20.46 -25.16
CA GLU D 194 1.42 -20.03 -25.71
C GLU D 194 0.27 -20.88 -25.17
N ASP D 195 0.48 -22.20 -25.11
CA ASP D 195 -0.59 -23.10 -24.67
C ASP D 195 -0.89 -22.97 -23.19
N LEU D 196 0.09 -22.54 -22.39
CA LEU D 196 -0.10 -22.43 -20.95
C LEU D 196 -0.83 -21.15 -20.57
N ASP D 197 -1.55 -21.21 -19.46
CA ASP D 197 -2.19 -20.05 -18.84
C ASP D 197 -1.38 -19.72 -17.59
N LEU D 198 -0.32 -18.93 -17.78
CA LEU D 198 0.67 -18.75 -16.73
C LEU D 198 0.18 -17.82 -15.62
N LEU D 199 0.45 -18.22 -14.38
CA LEU D 199 0.31 -17.37 -13.20
C LEU D 199 1.73 -17.08 -12.74
N LEU D 200 2.17 -15.83 -12.89
CA LEU D 200 3.58 -15.49 -12.68
C LEU D 200 3.77 -14.59 -11.47
N LEU D 201 4.87 -14.80 -10.75
CA LEU D 201 5.65 -13.70 -10.20
C LEU D 201 6.64 -13.26 -11.25
N ASP D 202 6.82 -11.94 -11.40
CA ASP D 202 7.70 -11.42 -12.44
C ASP D 202 9.19 -11.58 -12.13
N ASP D 203 9.55 -12.10 -10.96
CA ASP D 203 10.93 -12.03 -10.48
C ASP D 203 11.79 -13.08 -11.16
N GLY D 204 12.84 -12.64 -11.86
CA GLY D 204 13.75 -13.57 -12.48
C GLY D 204 13.51 -13.90 -13.95
N HIS D 205 12.51 -13.31 -14.59
CA HIS D 205 12.15 -13.75 -15.93
C HIS D 205 13.17 -13.30 -16.97
N SER D 206 13.63 -14.26 -17.78
CA SER D 206 14.60 -14.05 -18.85
C SER D 206 14.58 -15.26 -19.77
N LEU D 207 13.61 -15.32 -20.67
CA LEU D 207 13.30 -16.51 -21.46
C LEU D 207 13.56 -16.24 -22.93
N HIS D 208 14.37 -17.09 -23.56
CA HIS D 208 14.76 -16.81 -24.94
C HIS D 208 15.46 -18.03 -25.56
N ASP D 209 14.93 -18.58 -26.65
CA ASP D 209 15.55 -19.73 -27.29
C ASP D 209 16.58 -19.29 -28.35
N GLN D 210 17.12 -20.27 -29.07
CA GLN D 210 18.08 -19.98 -30.14
C GLN D 210 17.44 -19.37 -31.38
N ILE D 211 16.11 -19.39 -31.50
CA ILE D 211 15.45 -18.79 -32.66
C ILE D 211 14.08 -18.26 -32.28
N VAL D 212 13.82 -18.12 -30.99
CA VAL D 212 12.50 -17.70 -30.53
C VAL D 212 12.24 -16.22 -30.79
N ASP D 213 13.03 -15.36 -30.13
CA ASP D 213 13.01 -13.89 -30.19
C ASP D 213 12.00 -13.34 -29.19
N LEU D 214 11.77 -14.08 -28.10
CA LEU D 214 10.77 -13.70 -27.06
C LEU D 214 11.24 -12.67 -26.02
N ARG D 216 10.95 -12.32 -22.16
CA ARG D 216 9.87 -11.87 -21.28
C ARG D 216 10.43 -11.14 -20.05
N ARG D 217 9.76 -10.06 -19.64
CA ARG D 217 10.15 -9.32 -18.46
C ARG D 217 9.65 -10.00 -17.20
N ALA D 228 -5.42 -11.29 -17.30
CA ALA D 228 -6.04 -12.26 -16.40
C ALA D 228 -6.44 -11.59 -15.09
N VAL D 229 -7.51 -12.09 -14.47
CA VAL D 229 -7.99 -11.53 -13.22
C VAL D 229 -7.31 -12.17 -12.01
N THR D 230 -7.14 -13.50 -12.05
CA THR D 230 -6.49 -14.20 -10.96
C THR D 230 -5.05 -13.73 -10.79
N ARG D 231 -4.67 -13.45 -9.54
CA ARG D 231 -3.36 -12.86 -9.26
C ARG D 231 -2.97 -13.19 -7.82
N ALA D 232 -1.80 -13.78 -7.65
CA ALA D 232 -1.30 -14.14 -6.33
C ALA D 232 0.00 -13.39 -6.05
N SER D 233 0.33 -13.28 -4.77
CA SER D 233 1.53 -12.56 -4.33
C SER D 233 2.63 -13.46 -3.81
N SER D 234 2.38 -14.76 -3.65
CA SER D 234 3.37 -15.69 -3.11
C SER D 234 3.35 -16.98 -3.93
N LEU D 235 4.51 -17.65 -3.95
CA LEU D 235 4.60 -18.91 -4.69
C LEU D 235 3.72 -19.98 -4.08
N THR D 236 3.63 -20.03 -2.74
CA THR D 236 2.81 -21.04 -2.09
C THR D 236 1.33 -20.90 -2.45
N THR D 237 0.87 -19.68 -2.70
CA THR D 237 -0.50 -19.48 -3.15
C THR D 237 -0.64 -19.87 -4.62
N VAL D 238 0.35 -19.53 -5.45
CA VAL D 238 0.33 -19.92 -6.85
C VAL D 238 0.26 -21.44 -6.97
N MET D 239 0.98 -22.15 -6.10
CA MET D 239 0.98 -23.61 -6.17
C MET D 239 -0.40 -24.17 -5.93
N GLN D 240 -1.13 -23.63 -4.95
CA GLN D 240 -2.48 -24.12 -4.67
C GLN D 240 -3.42 -23.91 -5.86
N LEU D 241 -3.19 -22.84 -6.63
CA LEU D 241 -3.98 -22.64 -7.84
C LEU D 241 -3.64 -23.65 -8.91
N VAL D 242 -2.37 -24.08 -8.98
CA VAL D 242 -1.97 -25.05 -9.99
C VAL D 242 -2.58 -26.42 -9.70
N VAL D 243 -2.66 -26.81 -8.42
CA VAL D 243 -3.32 -28.07 -8.08
C VAL D 243 -4.78 -28.04 -8.51
N ALA D 244 -5.44 -26.90 -8.35
CA ALA D 244 -6.83 -26.77 -8.71
C ALA D 244 -7.04 -26.64 -10.23
N GLY D 245 -5.96 -26.62 -11.00
CA GLY D 245 -6.09 -26.57 -12.44
C GLY D 245 -6.46 -25.21 -12.98
N LEU D 246 -6.05 -24.13 -12.30
CA LEU D 246 -6.32 -22.77 -12.74
C LEU D 246 -5.15 -22.16 -13.50
N GLY D 247 -4.24 -22.98 -14.00
CA GLY D 247 -3.11 -22.51 -14.78
C GLY D 247 -1.81 -23.15 -14.33
N SER D 248 -0.74 -22.80 -15.03
CA SER D 248 0.60 -23.28 -14.76
C SER D 248 1.49 -22.11 -14.35
N THR D 249 2.74 -22.42 -14.02
CA THR D 249 3.68 -21.40 -13.57
C THR D 249 5.10 -21.91 -13.76
N LEU D 250 6.05 -20.97 -13.66
CA LEU D 250 7.47 -21.28 -13.67
C LEU D 250 8.06 -20.91 -12.31
N VAL D 251 8.87 -21.81 -11.75
CA VAL D 251 9.51 -21.56 -10.46
C VAL D 251 10.99 -21.88 -10.57
N PRO D 252 11.85 -21.24 -9.77
CA PRO D 252 13.27 -21.58 -9.79
C PRO D 252 13.52 -22.93 -9.13
N ILE D 253 14.60 -23.58 -9.59
CA ILE D 253 14.88 -24.96 -9.17
C ILE D 253 15.06 -25.07 -7.67
N SER D 254 15.56 -24.02 -7.01
CA SER D 254 15.77 -24.08 -5.57
C SER D 254 14.46 -24.16 -4.80
N ALA D 255 13.34 -23.79 -5.42
CA ALA D 255 12.03 -23.86 -4.77
C ALA D 255 11.39 -25.23 -4.87
N ILE D 256 12.03 -26.18 -5.56
CA ILE D 256 11.40 -27.48 -5.78
C ILE D 256 11.14 -28.24 -4.48
N PRO D 257 12.11 -28.43 -3.59
CA PRO D 257 11.82 -29.22 -2.37
C PRO D 257 10.81 -28.57 -1.44
N TRP D 258 10.58 -27.26 -1.57
CA TRP D 258 9.70 -26.54 -0.65
C TRP D 258 8.32 -26.26 -1.23
N GLU D 259 8.15 -26.30 -2.55
CA GLU D 259 6.89 -25.95 -3.18
C GLU D 259 6.35 -26.98 -4.16
N CYS D 260 7.17 -27.90 -4.68
CA CYS D 260 6.77 -28.77 -5.77
C CYS D 260 6.65 -30.23 -5.35
N THR D 261 6.56 -30.52 -4.05
CA THR D 261 6.46 -31.89 -3.58
C THR D 261 5.11 -32.21 -2.94
N ARG D 262 4.17 -31.27 -2.93
CA ARG D 262 2.84 -31.56 -2.44
C ARG D 262 2.06 -32.32 -3.51
N PRO D 263 1.03 -33.07 -3.12
CA PRO D 263 0.28 -33.85 -4.11
C PRO D 263 -0.47 -32.97 -5.10
N GLY D 264 -0.57 -33.46 -6.34
CA GLY D 264 -1.29 -32.79 -7.39
C GLY D 264 -0.45 -32.01 -8.39
N LEU D 265 0.87 -32.02 -8.25
CA LEU D 265 1.76 -31.27 -9.13
C LEU D 265 2.53 -32.20 -10.06
N ALA D 266 3.12 -31.59 -11.08
CA ALA D 266 3.98 -32.29 -12.02
C ALA D 266 4.92 -31.27 -12.64
N THR D 267 6.12 -31.71 -12.98
CA THR D 267 7.17 -30.83 -13.47
C THR D 267 7.43 -31.05 -14.95
N ALA D 268 8.04 -30.05 -15.57
CA ALA D 268 8.41 -30.12 -16.98
C ALA D 268 9.54 -29.13 -17.22
N ASN D 269 10.47 -29.49 -18.10
CA ASN D 269 11.61 -28.67 -18.42
C ASN D 269 11.67 -28.38 -19.92
N PHE D 270 12.33 -27.28 -20.26
CA PHE D 270 12.59 -26.98 -21.66
C PHE D 270 13.75 -27.85 -22.16
N ASN D 271 13.95 -27.84 -23.48
CA ASN D 271 15.05 -28.59 -24.05
C ASN D 271 16.35 -27.81 -23.89
N SER D 272 17.48 -28.51 -24.10
CA SER D 272 18.79 -27.94 -23.81
C SER D 272 19.08 -26.70 -24.64
N ASP D 273 18.51 -26.61 -25.85
CA ASP D 273 18.76 -25.44 -26.69
C ASP D 273 18.07 -24.18 -26.17
N VAL D 274 17.05 -24.34 -25.33
CA VAL D 274 16.37 -23.22 -24.70
C VAL D 274 17.11 -22.87 -23.42
N THR D 275 17.22 -21.57 -23.12
CA THR D 275 17.88 -21.09 -21.92
C THR D 275 16.87 -20.24 -21.14
N ALA D 276 16.25 -20.84 -20.13
CA ALA D 276 15.30 -20.16 -19.26
C ALA D 276 15.87 -20.16 -17.85
N ASN D 277 16.47 -19.04 -17.45
CA ASN D 277 17.12 -18.95 -16.15
C ASN D 277 17.11 -17.51 -15.68
N ARG D 278 17.70 -17.28 -14.51
CA ARG D 278 17.93 -15.95 -13.97
C ARG D 278 19.33 -15.91 -13.37
N ARG D 279 19.97 -14.75 -13.48
CA ARG D 279 21.31 -14.56 -12.94
C ARG D 279 21.19 -13.78 -11.64
N ILE D 280 21.52 -14.45 -10.53
CA ILE D 280 21.45 -13.87 -9.20
C ILE D 280 22.84 -13.38 -8.82
N GLY D 281 22.92 -12.20 -8.22
CA GLY D 281 24.19 -11.63 -7.85
C GLY D 281 24.11 -10.84 -6.56
N LEU D 282 25.27 -10.43 -6.08
CA LEU D 282 25.39 -9.62 -4.88
C LEU D 282 25.68 -8.18 -5.28
N VAL D 283 24.87 -7.24 -4.79
CA VAL D 283 24.97 -5.84 -5.17
C VAL D 283 25.19 -5.02 -3.91
N TYR D 284 26.19 -4.13 -3.95
CA TYR D 284 26.54 -3.28 -2.83
C TYR D 284 26.94 -1.91 -3.35
N ARG D 285 27.09 -0.95 -2.44
CA ARG D 285 27.39 0.42 -2.83
C ARG D 285 28.83 0.55 -3.31
N SER D 286 29.03 1.42 -4.31
CA SER D 286 30.37 1.66 -4.82
C SER D 286 31.24 2.38 -3.80
N SER D 287 30.65 3.27 -2.99
CA SER D 287 31.41 3.99 -1.98
C SER D 287 31.87 3.08 -0.85
N SER D 288 31.35 1.86 -0.75
CA SER D 288 31.71 0.97 0.34
C SER D 288 33.17 0.54 0.24
N SER D 289 33.82 0.43 1.39
CA SER D 289 35.19 -0.06 1.48
C SER D 289 35.24 -1.50 1.96
N ARG D 290 34.10 -2.17 2.02
CA ARG D 290 33.98 -3.55 2.48
C ARG D 290 33.89 -4.53 1.33
N ALA D 291 34.53 -4.22 0.19
CA ALA D 291 34.48 -5.09 -0.98
C ALA D 291 34.99 -6.48 -0.66
N GLU D 292 36.18 -6.57 -0.06
CA GLU D 292 36.78 -7.87 0.25
C GLU D 292 35.96 -8.64 1.28
N GLU D 293 35.19 -7.95 2.12
N GLU D 293 35.19 -7.95 2.12
CA GLU D 293 34.31 -8.63 3.06
CA GLU D 293 34.32 -8.66 3.06
C GLU D 293 33.08 -9.18 2.36
C GLU D 293 33.03 -9.14 2.40
N PHE D 294 32.53 -8.42 1.40
CA PHE D 294 31.36 -8.89 0.66
C PHE D 294 31.73 -10.02 -0.29
N GLU D 295 32.92 -9.96 -0.88
CA GLU D 295 33.39 -11.03 -1.75
C GLU D 295 33.49 -12.36 -1.01
N GLN D 296 33.83 -12.31 0.29
CA GLN D 296 33.85 -13.54 1.08
C GLN D 296 32.44 -14.03 1.37
N PHE D 297 31.49 -13.10 1.58
CA PHE D 297 30.11 -13.49 1.78
C PHE D 297 29.48 -14.03 0.50
N ALA D 298 30.01 -13.60 -0.66
CA ALA D 298 29.51 -14.14 -1.93
C ALA D 298 29.79 -15.63 -2.06
N LEU D 299 30.94 -16.08 -1.54
CA LEU D 299 31.26 -17.50 -1.59
C LEU D 299 30.33 -18.32 -0.71
N ILE D 300 29.88 -17.75 0.42
CA ILE D 300 28.92 -18.45 1.27
C ILE D 300 27.61 -18.65 0.52
N LEU D 301 27.14 -17.61 -0.16
CA LEU D 301 25.89 -17.73 -0.92
C LEU D 301 26.03 -18.72 -2.07
N GLN D 302 27.18 -18.70 -2.76
CA GLN D 302 27.42 -19.67 -3.83
C GLN D 302 27.36 -21.10 -3.29
N ARG D 303 27.98 -21.33 -2.13
CA ARG D 303 27.92 -22.65 -1.52
C ARG D 303 26.50 -23.01 -1.10
N ALA D 304 25.77 -22.04 -0.54
CA ALA D 304 24.40 -22.31 -0.11
C ALA D 304 23.49 -22.63 -1.30
N PHE D 305 23.79 -22.11 -2.48
CA PHE D 305 22.99 -22.43 -3.66
C PHE D 305 23.26 -23.84 -4.14
N GLN D 306 24.53 -24.25 -4.15
CA GLN D 306 24.85 -25.62 -4.54
C GLN D 306 24.28 -26.64 -3.57
N GLU D 307 24.19 -26.29 -2.29
CA GLU D 307 23.50 -27.16 -1.35
C GLU D 307 22.00 -27.18 -1.61
N ALA D 308 21.43 -26.04 -2.03
CA ALA D 308 20.01 -26.00 -2.35
C ALA D 308 19.71 -26.77 -3.63
N VAL D 309 20.62 -26.71 -4.61
CA VAL D 309 20.44 -27.49 -5.83
C VAL D 309 20.54 -28.98 -5.53
N ALA D 310 21.49 -29.38 -4.68
CA ALA D 310 21.60 -30.78 -4.29
C ALA D 310 20.33 -31.27 -3.61
N LEU D 311 19.71 -30.43 -2.78
CA LEU D 311 18.45 -30.81 -2.15
C LEU D 311 17.34 -30.98 -3.19
N ALA D 312 17.34 -30.14 -4.23
CA ALA D 312 16.37 -30.30 -5.31
C ALA D 312 16.59 -31.60 -6.06
N ALA D 313 17.85 -31.93 -6.36
CA ALA D 313 18.14 -33.19 -7.05
C ALA D 313 17.80 -34.41 -6.19
N SER D 314 17.85 -34.26 -4.87
CA SER D 314 17.54 -35.38 -3.99
C SER D 314 16.07 -35.77 -4.02
N THR D 315 15.20 -34.93 -4.59
CA THR D 315 13.78 -35.23 -4.65
C THR D 315 13.44 -36.22 -5.76
N GLY D 316 14.36 -36.43 -6.71
CA GLY D 316 14.09 -37.27 -7.86
C GLY D 316 13.45 -36.56 -9.03
N ILE D 317 13.08 -35.28 -8.88
CA ILE D 317 12.51 -34.53 -9.98
C ILE D 317 13.61 -34.18 -10.97
N THR D 318 13.36 -34.44 -12.25
CA THR D 318 14.35 -34.18 -13.28
C THR D 318 14.60 -32.68 -13.44
N LEU D 319 15.87 -32.29 -13.37
CA LEU D 319 16.24 -30.90 -13.60
C LEU D 319 16.64 -30.70 -15.06
N LYS D 320 16.65 -29.43 -15.47
CA LYS D 320 17.05 -29.08 -16.83
C LYS D 320 18.49 -29.50 -17.10
N GLN D 321 18.72 -30.07 -18.28
CA GLN D 321 20.05 -30.44 -18.72
C GLN D 321 20.62 -29.40 -19.67
#